data_8R4V
#
_entry.id   8R4V
#
_cell.length_a   104.251
_cell.length_b   104.251
_cell.length_c   95.618
_cell.angle_alpha   90.000
_cell.angle_beta   90.000
_cell.angle_gamma   120.000
#
_symmetry.space_group_name_H-M   'P 31'
#
loop_
_entity.id
_entity.type
_entity.pdbx_description
1 polymer 'Serine/threonine-protein kinase SIK3'
2 non-polymer 1-(2,4-dimethoxyphenyl)-3-(2,6-dimethylphenyl)-1-[6-[[4-(4-methylpiperazin-1-yl)phenyl]amino]pyrimidin-4-yl]urea
3 water water
#
_entity_poly.entity_id   1
_entity_poly.type   'polypeptide(L)'
_entity_poly.pdbx_seq_one_letter_code
;SMPARIGYYEIDRTIGKGNFAVVKRATHLVTKAKVAIKIIDKTQLDEENLKKIFREVQIMKMLSHPHIIRLYQVMETERM
IYLVTEYASGGEIFDHLVAHGRMAEKEARRKFKQIVTAVYFCHSRNIVHRDLKAENLLLDANLNIKIADFGFSNLFTPGQ
LLK(TPO)WCGSPPYAAPELFEGKEYDGPKVDIWSLGVVLYVLVCGALPFDGSTLQNLRARVLSGKFRIPFFMSTECEHL
IRHMLVLDPNKRLSMEQICKHKWMKLGDADPNFDRLIAESQQLKEERQVDPLNEDVLLAMEDMGLDKEQTLQSLRSDAYD
HYSAIYSLLCDR
;
_entity_poly.pdbx_strand_id   A,B,C
#
loop_
_chem_comp.id
_chem_comp.type
_chem_comp.name
_chem_comp.formula
XWA non-polymer 1-(2,4-dimethoxyphenyl)-3-(2,6-dimethylphenyl)-1-[6-[[4-(4-methylpiperazin-1-yl)phenyl]amino]pyrimidin-4-yl]urea 'C32 H37 N7 O3'
#
# COMPACT_ATOMS: atom_id res chain seq x y z
N ARG A 5 18.37 -54.39 1.65
CA ARG A 5 17.16 -53.90 2.38
C ARG A 5 17.58 -53.25 3.69
N ILE A 6 16.94 -52.12 4.02
CA ILE A 6 17.31 -51.31 5.17
C ILE A 6 16.04 -50.77 5.78
N GLY A 7 15.62 -51.37 6.90
CA GLY A 7 14.33 -51.07 7.49
C GLY A 7 13.22 -51.43 6.53
N TYR A 8 12.44 -50.42 6.12
CA TYR A 8 11.31 -50.59 5.22
C TYR A 8 11.71 -50.34 3.76
N TYR A 9 13.01 -50.26 3.48
CA TYR A 9 13.47 -49.86 2.16
C TYR A 9 14.19 -51.01 1.46
N GLU A 10 13.89 -51.20 0.16
CA GLU A 10 14.67 -52.10 -0.67
C GLU A 10 15.53 -51.28 -1.64
N ILE A 11 16.85 -51.40 -1.53
CA ILE A 11 17.79 -50.68 -2.38
C ILE A 11 17.87 -51.36 -3.74
N ASP A 12 17.92 -50.55 -4.81
CA ASP A 12 17.84 -51.09 -6.16
C ASP A 12 18.71 -50.33 -7.17
N ARG A 13 19.63 -49.48 -6.70
CA ARG A 13 20.53 -48.77 -7.59
C ARG A 13 21.42 -47.85 -6.78
N THR A 14 22.69 -47.71 -7.22
CA THR A 14 23.62 -46.73 -6.67
C THR A 14 23.80 -45.61 -7.70
N ILE A 15 23.48 -44.37 -7.30
CA ILE A 15 23.43 -43.25 -8.22
C ILE A 15 24.45 -42.17 -7.86
N GLY A 16 25.04 -42.27 -6.67
CA GLY A 16 25.95 -41.24 -6.17
C GLY A 16 27.09 -41.86 -5.35
N LYS A 17 28.27 -41.27 -5.46
CA LYS A 17 29.45 -41.72 -4.72
C LYS A 17 30.41 -40.54 -4.59
N GLY A 18 30.42 -39.91 -3.41
CA GLY A 18 31.27 -38.76 -3.17
C GLY A 18 31.19 -38.28 -1.73
N ASN A 19 32.20 -37.51 -1.32
CA ASN A 19 32.44 -37.18 0.09
C ASN A 19 32.65 -38.49 0.86
N PHE A 20 32.00 -38.63 2.02
CA PHE A 20 32.04 -39.87 2.79
C PHE A 20 30.70 -40.59 2.67
N ALA A 21 30.09 -40.54 1.48
CA ALA A 21 28.70 -40.92 1.29
C ALA A 21 28.51 -41.68 -0.02
N VAL A 22 27.48 -42.54 -0.02
CA VAL A 22 26.95 -43.17 -1.22
C VAL A 22 25.43 -43.00 -1.21
N VAL A 23 24.88 -42.65 -2.37
CA VAL A 23 23.45 -42.48 -2.55
C VAL A 23 22.93 -43.62 -3.42
N LYS A 24 21.75 -44.13 -3.02
CA LYS A 24 21.12 -45.25 -3.70
C LYS A 24 19.64 -44.91 -3.96
N ARG A 25 19.09 -45.51 -5.02
CA ARG A 25 17.65 -45.51 -5.17
C ARG A 25 17.12 -46.70 -4.38
N ALA A 26 15.96 -46.50 -3.74
CA ALA A 26 15.25 -47.52 -2.99
C ALA A 26 13.75 -47.37 -3.19
N THR A 27 13.03 -48.43 -2.83
CA THR A 27 11.57 -48.48 -2.82
C THR A 27 11.12 -48.66 -1.37
N HIS A 28 10.20 -47.80 -0.90
CA HIS A 28 9.56 -48.04 0.38
C HIS A 28 8.60 -49.21 0.23
N LEU A 29 8.79 -50.22 1.08
CA LEU A 29 8.17 -51.52 0.89
C LEU A 29 6.71 -51.48 1.31
N VAL A 30 6.26 -50.39 1.95
CA VAL A 30 4.86 -50.25 2.32
C VAL A 30 4.14 -49.34 1.31
N THR A 31 4.69 -48.14 1.06
CA THR A 31 3.98 -47.11 0.31
C THR A 31 4.29 -47.21 -1.18
N LYS A 32 5.36 -47.95 -1.53
CA LYS A 32 5.77 -48.19 -2.91
C LYS A 32 6.54 -47.00 -3.48
N ALA A 33 6.76 -45.95 -2.68
CA ALA A 33 7.41 -44.75 -3.14
C ALA A 33 8.88 -45.01 -3.47
N LYS A 34 9.36 -44.42 -4.56
CA LYS A 34 10.79 -44.36 -4.85
C LYS A 34 11.42 -43.25 -4.02
N VAL A 35 12.57 -43.55 -3.43
CA VAL A 35 13.31 -42.61 -2.60
C VAL A 35 14.78 -42.69 -2.96
N ALA A 36 15.53 -41.65 -2.56
CA ALA A 36 16.98 -41.66 -2.52
C ALA A 36 17.41 -41.83 -1.07
N ILE A 37 18.38 -42.72 -0.84
CA ILE A 37 18.97 -42.90 0.48
C ILE A 37 20.46 -42.56 0.39
N LYS A 38 20.89 -41.57 1.19
CA LYS A 38 22.30 -41.26 1.34
C LYS A 38 22.83 -41.93 2.60
N ILE A 39 23.93 -42.68 2.44
CA ILE A 39 24.49 -43.52 3.48
C ILE A 39 25.85 -42.94 3.83
N ILE A 40 26.01 -42.48 5.08
CA ILE A 40 27.19 -41.76 5.51
C ILE A 40 27.86 -42.61 6.59
N ASP A 41 29.14 -42.93 6.38
CA ASP A 41 29.94 -43.63 7.37
C ASP A 41 30.55 -42.58 8.29
N LYS A 42 30.15 -42.63 9.58
CA LYS A 42 30.59 -41.67 10.58
C LYS A 42 32.02 -41.98 11.03
N THR A 43 32.48 -43.21 10.78
CA THR A 43 33.83 -43.62 11.11
C THR A 43 34.85 -43.02 10.13
N GLN A 44 34.36 -42.41 9.04
CA GLN A 44 35.21 -41.63 8.15
C GLN A 44 35.21 -40.16 8.57
N LEU A 45 34.17 -39.74 9.30
CA LEU A 45 33.84 -38.33 9.44
C LEU A 45 34.69 -37.68 10.53
N ASP A 46 35.14 -36.46 10.23
CA ASP A 46 35.81 -35.60 11.18
C ASP A 46 34.76 -34.97 12.10
N GLU A 47 35.24 -34.30 13.15
CA GLU A 47 34.38 -33.82 14.23
C GLU A 47 33.49 -32.69 13.71
N GLU A 48 34.07 -31.78 12.93
CA GLU A 48 33.35 -30.60 12.44
C GLU A 48 32.45 -31.00 11.28
N ASN A 49 32.83 -32.08 10.58
CA ASN A 49 32.05 -32.59 9.47
C ASN A 49 30.74 -33.19 9.99
N LEU A 50 30.78 -33.76 11.19
CA LEU A 50 29.59 -34.28 11.86
C LEU A 50 28.67 -33.14 12.28
N LYS A 51 29.26 -32.02 12.71
CA LYS A 51 28.51 -30.84 13.12
C LYS A 51 27.90 -30.18 11.88
N LYS A 52 28.57 -30.36 10.72
CA LYS A 52 28.08 -29.86 9.44
C LYS A 52 26.85 -30.66 9.00
N ILE A 53 27.01 -31.98 8.90
CA ILE A 53 25.94 -32.88 8.49
C ILE A 53 24.73 -32.65 9.37
N PHE A 54 24.96 -32.41 10.68
CA PHE A 54 23.87 -32.21 11.62
C PHE A 54 23.09 -30.93 11.29
N ARG A 55 23.80 -29.87 10.87
CA ARG A 55 23.13 -28.62 10.51
C ARG A 55 22.41 -28.76 9.16
N GLU A 56 23.04 -29.43 8.20
CA GLU A 56 22.44 -29.72 6.90
C GLU A 56 21.07 -30.37 7.08
N VAL A 57 21.03 -31.41 7.92
CA VAL A 57 19.84 -32.22 8.13
C VAL A 57 18.75 -31.38 8.78
N GLN A 58 19.14 -30.55 9.78
CA GLN A 58 18.23 -29.66 10.48
C GLN A 58 17.59 -28.66 9.52
N ILE A 59 18.37 -28.14 8.56
CA ILE A 59 17.86 -27.18 7.58
C ILE A 59 16.88 -27.85 6.61
N MET A 60 17.22 -29.05 6.13
CA MET A 60 16.36 -29.81 5.22
C MET A 60 14.99 -30.07 5.84
N LYS A 61 14.94 -30.26 7.17
CA LYS A 61 13.70 -30.54 7.88
C LYS A 61 12.81 -29.30 7.91
N MET A 62 13.40 -28.12 7.82
CA MET A 62 12.65 -26.87 7.81
C MET A 62 11.98 -26.62 6.45
N LEU A 63 12.33 -27.39 5.42
CA LEU A 63 11.98 -27.02 4.05
C LEU A 63 11.09 -28.08 3.41
N SER A 64 9.78 -27.78 3.38
CA SER A 64 8.80 -28.50 2.58
C SER A 64 8.32 -27.59 1.46
N HIS A 65 8.67 -27.93 0.21
CA HIS A 65 8.35 -27.06 -0.91
C HIS A 65 8.39 -27.89 -2.18
N PRO A 66 7.55 -27.56 -3.20
CA PRO A 66 7.54 -28.28 -4.46
C PRO A 66 8.84 -28.33 -5.27
N HIS A 67 9.71 -27.31 -5.11
CA HIS A 67 10.96 -27.24 -5.84
C HIS A 67 12.17 -27.34 -4.91
N ILE A 68 12.00 -28.07 -3.81
CA ILE A 68 13.09 -28.40 -2.89
C ILE A 68 12.96 -29.89 -2.57
N ILE A 69 14.07 -30.64 -2.64
CA ILE A 69 14.03 -32.06 -2.31
C ILE A 69 13.50 -32.21 -0.88
N ARG A 70 12.56 -33.16 -0.71
CA ARG A 70 11.88 -33.39 0.55
C ARG A 70 12.54 -34.53 1.33
N LEU A 71 12.92 -34.25 2.57
CA LEU A 71 13.45 -35.27 3.47
C LEU A 71 12.30 -36.00 4.17
N TYR A 72 12.38 -37.32 4.20
CA TYR A 72 11.30 -38.17 4.71
C TYR A 72 11.72 -38.91 5.98
N GLN A 73 13.01 -39.28 6.09
CA GLN A 73 13.43 -40.11 7.21
C GLN A 73 14.93 -39.99 7.47
N VAL A 74 15.27 -40.03 8.75
CA VAL A 74 16.63 -40.17 9.24
C VAL A 74 16.71 -41.49 9.99
N MET A 75 17.66 -42.34 9.61
CA MET A 75 18.00 -43.51 10.38
C MET A 75 19.46 -43.37 10.80
N GLU A 76 19.78 -43.76 12.04
CA GLU A 76 21.12 -43.58 12.56
C GLU A 76 21.53 -44.86 13.30
N THR A 77 22.71 -45.39 12.96
CA THR A 77 23.34 -46.45 13.73
C THR A 77 24.62 -45.90 14.35
N GLU A 78 25.30 -46.70 15.18
CA GLU A 78 26.55 -46.29 15.79
C GLU A 78 27.55 -45.92 14.70
N ARG A 79 27.53 -46.66 13.60
CA ARG A 79 28.48 -46.53 12.51
C ARG A 79 27.96 -45.58 11.43
N MET A 80 26.66 -45.68 11.08
CA MET A 80 26.15 -45.13 9.82
C MET A 80 25.01 -44.13 10.06
N ILE A 81 24.91 -43.14 9.17
CA ILE A 81 23.75 -42.26 9.03
C ILE A 81 23.05 -42.54 7.69
N TYR A 82 21.70 -42.61 7.69
CA TYR A 82 20.92 -42.81 6.49
C TYR A 82 19.90 -41.69 6.31
N LEU A 83 19.96 -40.96 5.18
CA LEU A 83 19.04 -39.88 4.89
C LEU A 83 18.15 -40.23 3.70
N VAL A 84 16.84 -40.37 3.96
CA VAL A 84 15.87 -40.79 2.95
C VAL A 84 15.13 -39.57 2.41
N THR A 85 15.20 -39.35 1.08
CA THR A 85 14.58 -38.18 0.49
C THR A 85 13.72 -38.57 -0.70
N GLU A 86 12.87 -37.63 -1.12
CA GLU A 86 12.20 -37.66 -2.41
C GLU A 86 13.19 -37.91 -3.54
N TYR A 87 12.81 -38.76 -4.50
CA TYR A 87 13.65 -39.11 -5.62
C TYR A 87 13.29 -38.23 -6.80
N ALA A 88 14.32 -37.63 -7.41
CA ALA A 88 14.15 -36.80 -8.58
C ALA A 88 14.54 -37.59 -9.82
N SER A 89 13.53 -38.04 -10.57
CA SER A 89 13.72 -39.07 -11.56
C SER A 89 14.27 -38.50 -12.86
N GLY A 90 14.54 -37.20 -12.88
CA GLY A 90 15.07 -36.54 -14.06
C GLY A 90 16.60 -36.43 -14.00
N GLY A 91 17.16 -36.63 -12.81
CA GLY A 91 18.60 -36.54 -12.63
C GLY A 91 19.05 -35.11 -12.35
N GLU A 92 20.31 -34.83 -12.69
CA GLU A 92 20.94 -33.54 -12.46
C GLU A 92 20.92 -32.71 -13.74
N ILE A 93 20.92 -31.39 -13.56
CA ILE A 93 20.96 -30.46 -14.67
C ILE A 93 22.26 -30.62 -15.47
N PHE A 94 23.36 -30.97 -14.81
CA PHE A 94 24.62 -31.20 -15.50
C PHE A 94 24.44 -32.13 -16.69
N ASP A 95 23.76 -33.25 -16.48
CA ASP A 95 23.69 -34.32 -17.47
C ASP A 95 22.79 -33.89 -18.62
N HIS A 96 21.81 -33.02 -18.30
CA HIS A 96 20.87 -32.47 -19.25
C HIS A 96 21.57 -31.47 -20.16
N LEU A 97 22.52 -30.71 -19.60
CA LEU A 97 23.29 -29.74 -20.38
C LEU A 97 24.32 -30.46 -21.25
N VAL A 98 24.95 -31.54 -20.72
CA VAL A 98 25.87 -32.34 -21.53
C VAL A 98 25.09 -32.94 -22.71
N ALA A 99 23.87 -33.40 -22.45
CA ALA A 99 23.06 -34.07 -23.47
C ALA A 99 22.55 -33.09 -24.52
N HIS A 100 22.01 -31.94 -24.09
CA HIS A 100 21.21 -31.11 -25.00
C HIS A 100 21.75 -29.70 -25.16
N GLY A 101 22.78 -29.31 -24.40
CA GLY A 101 23.41 -28.01 -24.57
C GLY A 101 22.60 -26.89 -23.91
N ARG A 102 22.95 -25.65 -24.28
CA ARG A 102 22.35 -24.46 -23.67
C ARG A 102 20.84 -24.50 -23.92
N MET A 103 20.06 -23.98 -22.96
CA MET A 103 18.63 -24.07 -22.99
C MET A 103 18.07 -22.87 -23.76
N ALA A 104 16.98 -23.08 -24.49
CA ALA A 104 16.19 -21.97 -24.99
C ALA A 104 15.60 -21.21 -23.81
N GLU A 105 15.45 -19.89 -23.98
CA GLU A 105 15.03 -19.03 -22.90
C GLU A 105 13.64 -19.43 -22.40
N LYS A 106 12.83 -20.02 -23.29
CA LYS A 106 11.53 -20.57 -22.92
C LYS A 106 11.73 -21.64 -21.86
N GLU A 107 12.69 -22.56 -22.09
CA GLU A 107 13.00 -23.59 -21.13
C GLU A 107 13.67 -22.96 -19.91
N ALA A 108 14.58 -22.01 -20.12
CA ALA A 108 15.35 -21.44 -19.03
C ALA A 108 14.45 -20.67 -18.07
N ARG A 109 13.38 -20.06 -18.59
CA ARG A 109 12.49 -19.23 -17.79
C ARG A 109 11.64 -20.11 -16.88
N ARG A 110 11.10 -21.21 -17.42
CA ARG A 110 10.35 -22.17 -16.64
C ARG A 110 11.17 -22.62 -15.44
N LYS A 111 12.42 -23.04 -15.68
CA LYS A 111 13.24 -23.66 -14.66
C LYS A 111 13.71 -22.60 -13.66
N PHE A 112 14.11 -21.43 -14.16
CA PHE A 112 14.60 -20.36 -13.31
C PHE A 112 13.50 -19.83 -12.40
N LYS A 113 12.28 -19.75 -12.92
CA LYS A 113 11.14 -19.33 -12.10
C LYS A 113 10.94 -20.32 -10.95
N GLN A 114 11.15 -21.62 -11.21
CA GLN A 114 11.05 -22.66 -10.21
C GLN A 114 12.18 -22.56 -9.19
N ILE A 115 13.41 -22.31 -9.66
CA ILE A 115 14.56 -22.08 -8.79
C ILE A 115 14.27 -20.91 -7.86
N VAL A 116 13.76 -19.82 -8.41
CA VAL A 116 13.51 -18.59 -7.67
C VAL A 116 12.47 -18.83 -6.57
N THR A 117 11.39 -19.57 -6.90
CA THR A 117 10.37 -19.93 -5.92
C THR A 117 10.99 -20.64 -4.72
N ALA A 118 11.87 -21.60 -5.00
CA ALA A 118 12.50 -22.40 -3.95
C ALA A 118 13.41 -21.53 -3.08
N VAL A 119 14.24 -20.67 -3.71
CA VAL A 119 15.20 -19.86 -2.98
C VAL A 119 14.45 -18.79 -2.16
N TYR A 120 13.39 -18.21 -2.75
CA TYR A 120 12.58 -17.21 -2.10
C TYR A 120 11.97 -17.78 -0.82
N PHE A 121 11.55 -19.06 -0.88
CA PHE A 121 10.98 -19.77 0.24
C PHE A 121 12.01 -20.00 1.34
N CYS A 122 13.24 -20.39 0.96
CA CYS A 122 14.32 -20.48 1.92
C CYS A 122 14.48 -19.15 2.67
N HIS A 123 14.56 -18.04 1.93
CA HIS A 123 14.77 -16.75 2.54
C HIS A 123 13.61 -16.41 3.49
N SER A 124 12.38 -16.74 3.10
CA SER A 124 11.19 -16.51 3.91
C SER A 124 11.23 -17.31 5.22
N ARG A 125 11.98 -18.42 5.23
CA ARG A 125 12.19 -19.21 6.43
C ARG A 125 13.58 -18.91 7.01
N ASN A 126 14.17 -17.76 6.67
CA ASN A 126 15.44 -17.33 7.25
C ASN A 126 16.54 -18.35 6.97
N ILE A 127 16.52 -18.97 5.79
CA ILE A 127 17.59 -19.87 5.34
C ILE A 127 18.24 -19.27 4.10
N VAL A 128 19.58 -19.23 4.10
CA VAL A 128 20.36 -18.95 2.91
C VAL A 128 21.06 -20.25 2.48
N HIS A 129 21.05 -20.51 1.17
CA HIS A 129 21.62 -21.73 0.61
C HIS A 129 23.14 -21.63 0.55
N ARG A 130 23.64 -20.53 -0.04
CA ARG A 130 25.05 -20.12 -0.07
C ARG A 130 25.91 -21.05 -0.92
N ASP A 131 25.28 -21.85 -1.79
CA ASP A 131 26.02 -22.74 -2.66
C ASP A 131 25.18 -23.08 -3.90
N LEU A 132 24.38 -22.14 -4.39
CA LEU A 132 23.53 -22.39 -5.53
C LEU A 132 24.44 -22.58 -6.74
N LYS A 133 24.35 -23.75 -7.39
CA LYS A 133 25.04 -24.01 -8.64
C LYS A 133 24.08 -24.69 -9.62
N ALA A 134 24.23 -24.43 -10.92
CA ALA A 134 23.38 -25.05 -11.94
C ALA A 134 23.48 -26.57 -11.89
N GLU A 135 24.73 -27.05 -11.89
CA GLU A 135 25.00 -28.42 -12.29
C GLU A 135 24.34 -29.40 -11.33
N ASN A 136 24.20 -29.01 -10.04
CA ASN A 136 23.79 -29.86 -8.93
C ASN A 136 22.26 -29.81 -8.73
N LEU A 137 21.54 -28.95 -9.47
CA LEU A 137 20.10 -28.90 -9.38
C LEU A 137 19.52 -30.22 -9.87
N LEU A 138 18.46 -30.69 -9.20
CA LEU A 138 17.82 -31.94 -9.53
C LEU A 138 16.55 -31.66 -10.33
N LEU A 139 16.10 -32.68 -11.07
CA LEU A 139 14.94 -32.58 -11.95
C LEU A 139 14.01 -33.75 -11.68
N ASP A 140 12.70 -33.49 -11.59
CA ASP A 140 11.72 -34.56 -11.42
C ASP A 140 11.38 -35.15 -12.79
N ALA A 141 10.39 -36.07 -12.84
CA ALA A 141 10.08 -36.82 -14.04
C ALA A 141 9.70 -35.92 -15.23
N ASN A 142 9.23 -34.69 -14.96
CA ASN A 142 8.85 -33.75 -16.00
C ASN A 142 9.90 -32.67 -16.18
N LEU A 143 11.10 -32.90 -15.63
CA LEU A 143 12.23 -31.98 -15.66
C LEU A 143 11.86 -30.68 -14.95
N ASN A 144 11.07 -30.82 -13.88
CA ASN A 144 10.80 -29.73 -12.95
C ASN A 144 11.88 -29.73 -11.87
N ILE A 145 12.27 -28.52 -11.44
CA ILE A 145 13.40 -28.29 -10.57
C ILE A 145 13.11 -28.77 -9.15
N LYS A 146 14.14 -29.39 -8.55
CA LYS A 146 14.26 -29.56 -7.11
C LYS A 146 15.66 -29.16 -6.66
N ILE A 147 15.73 -28.21 -5.73
CA ILE A 147 16.99 -27.73 -5.20
C ILE A 147 17.42 -28.68 -4.07
N ALA A 148 18.72 -29.02 -4.07
CA ALA A 148 19.34 -29.92 -3.12
C ALA A 148 20.65 -29.32 -2.61
N ASP A 149 21.60 -30.19 -2.19
CA ASP A 149 22.72 -29.84 -1.35
C ASP A 149 22.50 -28.54 -0.57
N PHE A 150 22.14 -28.72 0.71
CA PHE A 150 22.05 -27.66 1.69
C PHE A 150 23.23 -27.76 2.67
N GLY A 151 24.36 -28.30 2.19
CA GLY A 151 25.52 -28.55 3.02
C GLY A 151 26.26 -27.27 3.44
N PHE A 152 26.02 -26.17 2.70
CA PHE A 152 26.63 -24.88 3.00
C PHE A 152 25.62 -23.86 3.51
N SER A 153 24.37 -24.31 3.70
CA SER A 153 23.27 -23.45 4.07
C SER A 153 23.36 -23.08 5.56
N ASN A 154 22.59 -22.08 5.95
CA ASN A 154 22.60 -21.62 7.33
C ASN A 154 21.35 -20.78 7.59
N LEU A 155 20.99 -20.63 8.86
CA LEU A 155 20.01 -19.66 9.28
C LEU A 155 20.63 -18.27 9.20
N PHE A 156 19.83 -17.27 8.84
CA PHE A 156 20.27 -15.88 8.89
C PHE A 156 19.18 -15.03 9.55
N THR A 157 19.62 -13.97 10.24
CA THR A 157 18.74 -12.91 10.69
C THR A 157 18.80 -11.77 9.68
N PRO A 158 17.67 -11.36 9.06
CA PRO A 158 17.66 -10.24 8.12
C PRO A 158 18.35 -9.01 8.70
N GLY A 159 19.39 -8.53 7.99
CA GLY A 159 20.20 -7.42 8.45
C GLY A 159 21.55 -7.87 9.03
N GLN A 160 21.56 -9.06 9.65
CA GLN A 160 22.78 -9.59 10.22
C GLN A 160 23.74 -9.95 9.09
N LEU A 161 25.03 -9.84 9.37
CA LEU A 161 26.09 -10.26 8.46
C LEU A 161 26.53 -11.66 8.84
N LEU A 162 26.85 -12.47 7.81
CA LEU A 162 27.42 -13.79 7.98
C LEU A 162 28.93 -13.67 7.77
N LYS A 163 29.66 -14.68 8.25
CA LYS A 163 31.11 -14.62 8.28
C LYS A 163 31.71 -16.00 8.04
N TPO A 164 31.05 -16.83 7.21
CA TPO A 164 31.64 -18.07 6.73
CB TPO A 164 30.79 -19.30 7.09
CG2 TPO A 164 31.49 -20.60 6.79
OG1 TPO A 164 30.48 -19.27 8.53
P TPO A 164 28.98 -19.63 9.00
O1P TPO A 164 28.64 -20.94 8.31
O2P TPO A 164 29.03 -19.75 10.52
O3P TPO A 164 28.12 -18.47 8.53
C TPO A 164 31.79 -18.00 5.22
O TPO A 164 30.79 -17.84 4.50
N TRP A 165 33.03 -18.12 4.71
CA TRP A 165 33.27 -17.98 3.28
C TRP A 165 33.15 -19.35 2.65
N CYS A 166 32.12 -19.57 1.81
CA CYS A 166 31.78 -20.90 1.37
C CYS A 166 31.23 -20.91 -0.05
N GLY A 167 31.09 -22.14 -0.58
CA GLY A 167 30.53 -22.39 -1.90
C GLY A 167 31.61 -22.54 -2.97
N SER A 168 31.16 -22.65 -4.22
CA SER A 168 32.04 -22.94 -5.34
C SER A 168 32.49 -21.62 -5.96
N PRO A 169 33.80 -21.43 -6.17
CA PRO A 169 34.31 -20.15 -6.69
C PRO A 169 33.59 -19.58 -7.92
N PRO A 170 33.18 -20.39 -8.94
CA PRO A 170 32.50 -19.84 -10.11
C PRO A 170 31.17 -19.14 -9.82
N TYR A 171 30.53 -19.50 -8.69
CA TYR A 171 29.24 -18.97 -8.28
C TYR A 171 29.36 -17.99 -7.11
N ALA A 172 30.56 -17.82 -6.56
CA ALA A 172 30.73 -17.07 -5.33
C ALA A 172 30.81 -15.57 -5.62
N ALA A 173 30.07 -14.78 -4.83
CA ALA A 173 30.01 -13.33 -4.97
C ALA A 173 31.37 -12.73 -4.63
N PRO A 174 31.72 -11.55 -5.19
CA PRO A 174 33.06 -10.98 -5.02
C PRO A 174 33.45 -10.82 -3.54
N GLU A 175 32.48 -10.43 -2.71
CA GLU A 175 32.75 -10.12 -1.31
C GLU A 175 33.13 -11.38 -0.53
N LEU A 176 32.83 -12.57 -1.09
CA LEU A 176 33.21 -13.83 -0.47
C LEU A 176 34.69 -14.12 -0.73
N PHE A 177 35.14 -13.82 -1.97
CA PHE A 177 36.53 -13.89 -2.35
C PHE A 177 37.37 -12.94 -1.50
N GLU A 178 36.80 -11.75 -1.21
CA GLU A 178 37.49 -10.68 -0.51
C GLU A 178 37.54 -10.93 0.99
N GLY A 179 36.77 -11.92 1.47
CA GLY A 179 36.79 -12.30 2.88
C GLY A 179 36.01 -11.32 3.74
N LYS A 180 35.01 -10.66 3.13
CA LYS A 180 34.17 -9.70 3.83
C LYS A 180 33.02 -10.44 4.52
N GLU A 181 32.53 -9.82 5.60
CA GLU A 181 31.24 -10.19 6.18
C GLU A 181 30.16 -9.78 5.17
N TYR A 182 29.10 -10.58 5.07
CA TYR A 182 28.23 -10.50 3.91
C TYR A 182 26.77 -10.68 4.31
N ASP A 183 25.90 -10.03 3.53
CA ASP A 183 24.47 -10.29 3.55
C ASP A 183 24.20 -11.64 2.89
N GLY A 184 23.47 -12.51 3.60
CA GLY A 184 23.19 -13.86 3.11
C GLY A 184 22.45 -13.87 1.78
N PRO A 185 21.22 -13.31 1.70
CA PRO A 185 20.46 -13.27 0.44
C PRO A 185 21.15 -12.68 -0.78
N LYS A 186 21.98 -11.66 -0.57
CA LYS A 186 22.63 -10.98 -1.68
C LYS A 186 23.69 -11.89 -2.28
N VAL A 187 24.25 -12.78 -1.46
CA VAL A 187 25.16 -13.82 -1.92
C VAL A 187 24.40 -14.80 -2.82
N ASP A 188 23.21 -15.22 -2.37
CA ASP A 188 22.37 -16.13 -3.13
C ASP A 188 21.91 -15.49 -4.44
N ILE A 189 21.62 -14.18 -4.42
CA ILE A 189 21.20 -13.48 -5.62
C ILE A 189 22.32 -13.40 -6.64
N TRP A 190 23.57 -13.20 -6.20
CA TRP A 190 24.72 -13.30 -7.09
C TRP A 190 24.80 -14.69 -7.73
N SER A 191 24.71 -15.74 -6.91
CA SER A 191 24.83 -17.11 -7.40
C SER A 191 23.75 -17.40 -8.45
N LEU A 192 22.54 -16.87 -8.21
CA LEU A 192 21.39 -17.02 -9.11
C LEU A 192 21.68 -16.40 -10.48
N GLY A 193 22.49 -15.34 -10.49
CA GLY A 193 22.86 -14.66 -11.71
C GLY A 193 23.74 -15.54 -12.59
N VAL A 194 24.65 -16.28 -11.94
CA VAL A 194 25.56 -17.18 -12.62
C VAL A 194 24.82 -18.43 -13.09
N VAL A 195 23.91 -18.94 -12.25
CA VAL A 195 23.07 -20.06 -12.62
C VAL A 195 22.20 -19.71 -13.82
N LEU A 196 21.60 -18.51 -13.85
CA LEU A 196 20.76 -18.13 -14.99
C LEU A 196 21.60 -18.06 -16.26
N TYR A 197 22.80 -17.50 -16.13
CA TYR A 197 23.71 -17.33 -17.25
C TYR A 197 24.07 -18.70 -17.81
N VAL A 198 24.38 -19.64 -16.92
CA VAL A 198 24.80 -20.98 -17.31
C VAL A 198 23.67 -21.70 -18.06
N LEU A 199 22.44 -21.54 -17.57
CA LEU A 199 21.30 -22.22 -18.14
C LEU A 199 21.08 -21.77 -19.58
N VAL A 200 21.15 -20.44 -19.80
CA VAL A 200 20.88 -19.86 -21.10
C VAL A 200 22.10 -19.96 -22.03
N CYS A 201 23.32 -19.92 -21.47
CA CYS A 201 24.53 -19.83 -22.28
C CYS A 201 25.27 -21.17 -22.38
N GLY A 202 25.01 -22.07 -21.43
CA GLY A 202 25.74 -23.33 -21.38
C GLY A 202 27.22 -23.13 -21.05
N ALA A 203 27.55 -22.02 -20.41
CA ALA A 203 28.93 -21.74 -20.02
C ALA A 203 28.93 -20.73 -18.88
N LEU A 204 30.07 -20.63 -18.19
CA LEU A 204 30.22 -19.76 -17.04
C LEU A 204 30.48 -18.33 -17.47
N PRO A 205 29.97 -17.31 -16.74
CA PRO A 205 30.30 -15.91 -17.00
C PRO A 205 31.71 -15.53 -16.54
N PHE A 206 32.17 -16.18 -15.46
CA PHE A 206 33.49 -15.95 -14.91
C PHE A 206 34.22 -17.29 -14.83
N ASP A 207 35.38 -17.38 -15.49
CA ASP A 207 36.12 -18.63 -15.56
C ASP A 207 37.59 -18.26 -15.75
N GLY A 208 38.47 -19.27 -15.69
CA GLY A 208 39.90 -19.04 -15.68
C GLY A 208 40.65 -20.35 -15.49
N SER A 209 41.91 -20.36 -15.94
CA SER A 209 42.73 -21.57 -15.94
C SER A 209 43.25 -21.88 -14.55
N THR A 210 43.26 -20.87 -13.69
CA THR A 210 43.58 -21.03 -12.28
C THR A 210 42.51 -20.31 -11.45
N LEU A 211 42.49 -20.58 -10.13
CA LEU A 211 41.57 -19.92 -9.23
C LEU A 211 41.93 -18.44 -9.11
N GLN A 212 43.22 -18.10 -9.22
CA GLN A 212 43.67 -16.72 -9.14
C GLN A 212 43.08 -15.93 -10.31
N ASN A 213 43.14 -16.52 -11.52
CA ASN A 213 42.58 -15.90 -12.71
C ASN A 213 41.08 -15.69 -12.54
N LEU A 214 40.39 -16.74 -12.10
CA LEU A 214 38.94 -16.72 -11.91
C LEU A 214 38.57 -15.62 -10.93
N ARG A 215 39.29 -15.56 -9.80
CA ARG A 215 39.06 -14.56 -8.77
C ARG A 215 39.09 -13.16 -9.38
N ALA A 216 40.09 -12.89 -10.23
CA ALA A 216 40.22 -11.57 -10.84
C ALA A 216 39.05 -11.27 -11.77
N ARG A 217 38.59 -12.29 -12.49
CA ARG A 217 37.42 -12.19 -13.36
C ARG A 217 36.18 -11.76 -12.59
N VAL A 218 35.95 -12.37 -11.41
CA VAL A 218 34.73 -12.09 -10.63
C VAL A 218 34.77 -10.66 -10.12
N LEU A 219 35.92 -10.25 -9.57
CA LEU A 219 36.06 -8.94 -8.96
C LEU A 219 35.94 -7.84 -10.02
N SER A 220 36.31 -8.16 -11.27
CA SER A 220 36.17 -7.23 -12.39
C SER A 220 34.69 -6.94 -12.66
N GLY A 221 33.86 -7.98 -12.57
CA GLY A 221 32.43 -7.84 -12.78
C GLY A 221 32.04 -7.74 -14.26
N LYS A 222 32.98 -8.04 -15.16
CA LYS A 222 32.73 -8.00 -16.59
C LYS A 222 32.53 -9.43 -17.09
N PHE A 223 31.55 -9.60 -17.98
CA PHE A 223 31.28 -10.87 -18.63
C PHE A 223 30.66 -10.62 -20.01
N ARG A 224 30.69 -11.65 -20.85
CA ARG A 224 30.27 -11.57 -22.24
C ARG A 224 28.78 -11.90 -22.33
N ILE A 225 28.03 -11.04 -23.03
CA ILE A 225 26.68 -11.35 -23.42
C ILE A 225 26.72 -11.96 -24.82
N PRO A 226 26.38 -13.26 -24.99
CA PRO A 226 26.38 -13.88 -26.31
C PRO A 226 25.29 -13.32 -27.22
N PHE A 227 25.50 -13.42 -28.53
CA PHE A 227 24.63 -12.78 -29.51
C PHE A 227 23.21 -13.30 -29.39
N PHE A 228 23.06 -14.55 -28.94
CA PHE A 228 21.78 -15.24 -28.87
C PHE A 228 20.97 -14.82 -27.65
N MET A 229 21.58 -14.12 -26.68
CA MET A 229 20.90 -13.77 -25.44
C MET A 229 20.03 -12.52 -25.67
N SER A 230 18.76 -12.61 -25.25
CA SER A 230 17.79 -11.53 -25.43
C SER A 230 18.19 -10.33 -24.57
N THR A 231 17.63 -9.16 -24.90
CA THR A 231 17.93 -7.93 -24.19
C THR A 231 17.41 -8.02 -22.75
N GLU A 232 16.25 -8.66 -22.59
CA GLU A 232 15.57 -8.74 -21.30
C GLU A 232 16.31 -9.68 -20.36
N CYS A 233 16.75 -10.83 -20.89
CA CYS A 233 17.55 -11.79 -20.15
C CYS A 233 18.86 -11.16 -19.71
N GLU A 234 19.53 -10.46 -20.65
CA GLU A 234 20.77 -9.75 -20.39
C GLU A 234 20.60 -8.79 -19.22
N HIS A 235 19.47 -8.06 -19.23
CA HIS A 235 19.18 -7.03 -18.25
C HIS A 235 19.03 -7.66 -16.86
N LEU A 236 18.35 -8.82 -16.79
CA LEU A 236 18.10 -9.49 -15.52
C LEU A 236 19.43 -9.86 -14.87
N ILE A 237 20.27 -10.55 -15.64
CA ILE A 237 21.55 -11.07 -15.18
C ILE A 237 22.46 -9.91 -14.75
N ARG A 238 22.47 -8.83 -15.55
CA ARG A 238 23.31 -7.68 -15.25
C ARG A 238 22.83 -6.98 -13.99
N HIS A 239 21.57 -7.18 -13.59
CA HIS A 239 21.05 -6.56 -12.38
C HIS A 239 21.18 -7.47 -11.17
N MET A 240 21.66 -8.71 -11.39
CA MET A 240 21.95 -9.65 -10.32
C MET A 240 23.47 -9.70 -10.08
N LEU A 241 24.25 -9.73 -11.17
CA LEU A 241 25.70 -9.78 -11.11
C LEU A 241 26.29 -8.38 -11.02
N VAL A 242 25.97 -7.68 -9.92
CA VAL A 242 26.47 -6.34 -9.62
C VAL A 242 27.45 -6.46 -8.46
N LEU A 243 28.58 -5.73 -8.53
CA LEU A 243 29.65 -5.89 -7.55
C LEU A 243 29.19 -5.41 -6.17
N ASP A 244 28.57 -4.22 -6.10
CA ASP A 244 28.00 -3.73 -4.86
C ASP A 244 26.79 -4.59 -4.49
N PRO A 245 26.81 -5.32 -3.36
CA PRO A 245 25.67 -6.13 -2.94
C PRO A 245 24.37 -5.33 -2.86
N ASN A 246 24.50 -4.03 -2.59
CA ASN A 246 23.36 -3.17 -2.29
C ASN A 246 22.67 -2.73 -3.57
N LYS A 247 23.35 -2.86 -4.72
CA LYS A 247 22.78 -2.50 -6.01
C LYS A 247 22.26 -3.71 -6.78
N ARG A 248 22.25 -4.89 -6.12
CA ARG A 248 21.67 -6.09 -6.71
C ARG A 248 20.16 -6.06 -6.52
N LEU A 249 19.42 -6.67 -7.45
CA LEU A 249 17.98 -6.85 -7.30
C LEU A 249 17.67 -7.62 -6.02
N SER A 250 16.56 -7.26 -5.38
CA SER A 250 15.92 -8.06 -4.36
C SER A 250 15.27 -9.28 -5.02
N MET A 251 14.84 -10.23 -4.18
CA MET A 251 14.08 -11.37 -4.65
C MET A 251 12.71 -10.91 -5.17
N GLU A 252 12.14 -9.90 -4.50
CA GLU A 252 10.85 -9.35 -4.89
C GLU A 252 10.95 -8.70 -6.27
N GLN A 253 12.08 -8.03 -6.55
CA GLN A 253 12.29 -7.36 -7.82
C GLN A 253 12.55 -8.38 -8.93
N ILE A 254 13.27 -9.46 -8.58
CA ILE A 254 13.56 -10.53 -9.52
C ILE A 254 12.27 -11.19 -10.02
N CYS A 255 11.31 -11.41 -9.13
CA CYS A 255 10.06 -12.05 -9.51
C CYS A 255 9.26 -11.15 -10.46
N LYS A 256 9.50 -9.82 -10.39
CA LYS A 256 8.74 -8.82 -11.13
C LYS A 256 9.37 -8.47 -12.47
N HIS A 257 10.59 -8.96 -12.74
CA HIS A 257 11.32 -8.56 -13.93
C HIS A 257 10.53 -8.91 -15.19
N LYS A 258 10.76 -8.15 -16.27
CA LYS A 258 10.03 -8.28 -17.52
C LYS A 258 10.36 -9.58 -18.25
N TRP A 259 11.55 -10.15 -18.00
CA TRP A 259 11.92 -11.44 -18.56
C TRP A 259 11.06 -12.56 -17.97
N MET A 260 10.73 -12.42 -16.69
CA MET A 260 9.88 -13.36 -15.98
C MET A 260 8.47 -13.33 -16.56
N LYS A 261 7.98 -12.11 -16.82
CA LYS A 261 6.59 -11.83 -17.14
C LYS A 261 6.26 -12.19 -18.57
N LEU A 262 7.17 -12.02 -19.53
CA LEU A 262 6.86 -12.42 -20.91
C LEU A 262 6.69 -13.94 -20.95
N GLY A 263 6.06 -14.46 -22.02
CA GLY A 263 5.77 -15.88 -22.14
C GLY A 263 4.51 -16.29 -21.39
N ASP A 264 4.26 -17.60 -21.33
CA ASP A 264 2.98 -18.16 -20.90
C ASP A 264 2.70 -17.73 -19.46
N ALA A 265 1.41 -17.52 -19.16
CA ALA A 265 0.92 -17.25 -17.81
C ALA A 265 1.29 -18.40 -16.88
N ASP A 266 1.31 -18.13 -15.57
CA ASP A 266 2.02 -18.97 -14.63
C ASP A 266 1.40 -18.88 -13.23
N PRO A 267 0.21 -19.47 -13.00
CA PRO A 267 -0.49 -19.26 -11.73
C PRO A 267 0.25 -19.83 -10.52
N ASN A 268 1.00 -20.92 -10.75
CA ASN A 268 1.69 -21.65 -9.70
C ASN A 268 2.84 -20.81 -9.15
N PHE A 269 3.60 -20.19 -10.07
CA PHE A 269 4.69 -19.30 -9.72
C PHE A 269 4.18 -18.25 -8.73
N ASP A 270 3.14 -17.52 -9.15
CA ASP A 270 2.64 -16.37 -8.42
C ASP A 270 2.06 -16.82 -7.07
N ARG A 271 1.43 -18.01 -7.06
CA ARG A 271 0.85 -18.57 -5.85
C ARG A 271 1.95 -18.92 -4.86
N LEU A 272 3.01 -19.55 -5.36
CA LEU A 272 4.13 -20.00 -4.54
C LEU A 272 4.91 -18.80 -4.00
N ILE A 273 5.11 -17.77 -4.85
CA ILE A 273 5.81 -16.57 -4.45
C ILE A 273 4.94 -15.80 -3.46
N ALA A 274 3.62 -15.91 -3.60
CA ALA A 274 2.71 -15.22 -2.70
C ALA A 274 2.75 -15.89 -1.32
N GLU A 275 2.83 -17.22 -1.32
CA GLU A 275 2.85 -18.01 -0.09
C GLU A 275 4.13 -17.71 0.68
N SER A 276 5.24 -17.57 -0.05
CA SER A 276 6.52 -17.21 0.54
C SER A 276 6.47 -15.81 1.17
N GLN A 277 5.58 -14.95 0.67
CA GLN A 277 5.46 -13.56 1.13
C GLN A 277 4.60 -13.42 2.39
N GLN A 278 3.84 -14.46 2.78
CA GLN A 278 3.01 -14.43 3.97
C GLN A 278 3.85 -14.31 5.25
N LEU A 279 3.23 -13.72 6.29
CA LEU A 279 3.82 -13.59 7.62
C LEU A 279 3.31 -14.70 8.54
N LYS A 280 1.97 -14.75 8.71
CA LYS A 280 1.31 -15.83 9.43
C LYS A 280 0.42 -16.63 8.46
N PRO A 287 -2.66 -29.58 8.48
CA PRO A 287 -3.33 -30.24 9.61
C PRO A 287 -3.10 -31.76 9.58
N LEU A 288 -3.60 -32.44 10.62
CA LEU A 288 -3.61 -33.89 10.72
C LEU A 288 -4.57 -34.46 9.67
N ASN A 289 -4.06 -35.39 8.85
CA ASN A 289 -4.89 -36.14 7.90
C ASN A 289 -5.37 -37.43 8.57
N GLU A 290 -6.68 -37.48 8.90
CA GLU A 290 -7.23 -38.55 9.72
C GLU A 290 -7.22 -39.87 8.93
N ASP A 291 -7.48 -39.79 7.62
CA ASP A 291 -7.55 -40.99 6.81
C ASP A 291 -6.17 -41.61 6.61
N VAL A 292 -5.12 -40.78 6.66
CA VAL A 292 -3.77 -41.30 6.66
C VAL A 292 -3.52 -42.04 7.96
N LEU A 293 -3.89 -41.43 9.08
CA LEU A 293 -3.69 -42.00 10.41
C LEU A 293 -4.40 -43.35 10.53
N LEU A 294 -5.60 -43.43 9.93
CA LEU A 294 -6.44 -44.63 9.95
C LEU A 294 -5.84 -45.71 9.04
N ALA A 295 -5.37 -45.30 7.86
CA ALA A 295 -4.72 -46.21 6.93
C ALA A 295 -3.48 -46.83 7.58
N MET A 296 -2.76 -46.00 8.36
CA MET A 296 -1.55 -46.43 9.06
C MET A 296 -1.89 -47.41 10.18
N GLU A 297 -2.98 -47.13 10.89
CA GLU A 297 -3.44 -47.94 11.99
C GLU A 297 -3.81 -49.34 11.47
N ASP A 298 -4.45 -49.40 10.30
CA ASP A 298 -4.88 -50.66 9.71
C ASP A 298 -3.71 -51.44 9.13
N MET A 299 -2.56 -50.77 8.93
CA MET A 299 -1.32 -51.45 8.58
C MET A 299 -0.79 -52.22 9.79
N GLY A 300 -0.93 -51.63 10.98
CA GLY A 300 -0.38 -52.19 12.20
C GLY A 300 0.51 -51.20 12.95
N LEU A 301 0.47 -49.92 12.54
CA LEU A 301 1.14 -48.84 13.24
C LEU A 301 0.15 -48.18 14.21
N ASP A 302 0.42 -48.33 15.50
CA ASP A 302 -0.40 -47.74 16.55
C ASP A 302 -0.46 -46.23 16.37
N LYS A 303 -1.67 -45.67 16.43
CA LYS A 303 -1.90 -44.27 16.11
C LYS A 303 -1.32 -43.37 17.20
N GLU A 304 -1.07 -43.92 18.39
CA GLU A 304 -0.50 -43.17 19.50
C GLU A 304 0.97 -42.86 19.22
N GLN A 305 1.73 -43.86 18.76
CA GLN A 305 3.15 -43.74 18.48
C GLN A 305 3.36 -42.88 17.23
N THR A 306 2.41 -42.98 16.27
CA THR A 306 2.39 -42.15 15.07
C THR A 306 2.26 -40.68 15.44
N LEU A 307 1.33 -40.37 16.34
CA LEU A 307 1.10 -39.00 16.79
C LEU A 307 2.30 -38.49 17.57
N GLN A 308 2.95 -39.38 18.33
CA GLN A 308 4.13 -39.01 19.10
C GLN A 308 5.28 -38.71 18.15
N SER A 309 5.42 -39.57 17.13
CA SER A 309 6.44 -39.39 16.10
C SER A 309 6.23 -38.09 15.34
N LEU A 310 4.97 -37.75 15.06
CA LEU A 310 4.64 -36.53 14.36
C LEU A 310 4.90 -35.31 15.25
N ARG A 311 4.44 -35.36 16.50
CA ARG A 311 4.54 -34.23 17.42
C ARG A 311 6.00 -33.90 17.72
N SER A 312 6.86 -34.92 17.77
CA SER A 312 8.26 -34.72 18.15
C SER A 312 9.14 -34.38 16.95
N ASP A 313 8.58 -34.45 15.72
CA ASP A 313 9.32 -34.14 14.49
C ASP A 313 10.47 -35.14 14.34
N ALA A 314 10.15 -36.43 14.46
CA ALA A 314 11.13 -37.47 14.66
C ALA A 314 11.87 -37.84 13.37
N TYR A 315 11.19 -37.71 12.22
CA TYR A 315 11.69 -38.20 10.94
C TYR A 315 12.08 -39.68 11.07
N ASP A 316 11.19 -40.45 11.69
CA ASP A 316 11.39 -41.87 11.93
C ASP A 316 10.47 -42.68 11.02
N HIS A 317 10.33 -43.98 11.33
CA HIS A 317 9.51 -44.89 10.54
C HIS A 317 8.08 -44.39 10.40
N TYR A 318 7.50 -43.83 11.46
CA TYR A 318 6.10 -43.42 11.45
C TYR A 318 5.93 -42.07 10.74
N SER A 319 6.88 -41.14 10.95
CA SER A 319 6.86 -39.85 10.27
C SER A 319 6.92 -40.03 8.75
N ALA A 320 7.88 -40.85 8.33
CA ALA A 320 8.13 -41.16 6.92
C ALA A 320 6.85 -41.63 6.25
N ILE A 321 6.19 -42.63 6.85
CA ILE A 321 5.00 -43.24 6.27
C ILE A 321 3.84 -42.24 6.32
N TYR A 322 3.76 -41.41 7.37
CA TYR A 322 2.72 -40.39 7.38
C TYR A 322 2.91 -39.45 6.19
N SER A 323 4.13 -38.93 6.06
CA SER A 323 4.45 -37.95 5.03
C SER A 323 4.32 -38.54 3.63
N LEU A 324 4.87 -39.73 3.43
CA LEU A 324 4.86 -40.38 2.12
C LEU A 324 3.43 -40.63 1.64
N LEU A 325 2.50 -40.93 2.55
CA LEU A 325 1.10 -41.12 2.20
C LEU A 325 0.43 -39.78 1.88
N CYS A 326 0.73 -38.72 2.64
CA CYS A 326 0.12 -37.41 2.41
C CYS A 326 0.52 -36.80 1.07
N ASP A 327 1.74 -37.11 0.59
CA ASP A 327 2.23 -36.62 -0.68
C ASP A 327 1.87 -37.58 -1.82
N ARG A 328 0.68 -38.19 -1.75
CA ARG A 328 0.29 -39.24 -2.66
C ARG A 328 -1.17 -39.05 -3.06
N ALA B 4 -11.80 -8.29 -33.65
CA ALA B 4 -11.21 -8.88 -32.43
C ALA B 4 -12.12 -8.61 -31.24
N ARG B 5 -12.03 -9.46 -30.20
CA ARG B 5 -12.79 -9.28 -28.97
C ARG B 5 -11.85 -9.30 -27.77
N ILE B 6 -12.15 -8.47 -26.76
CA ILE B 6 -11.40 -8.46 -25.51
C ILE B 6 -12.41 -8.30 -24.37
N GLY B 7 -12.79 -9.39 -23.72
CA GLY B 7 -13.62 -9.32 -22.51
C GLY B 7 -14.74 -8.29 -22.55
N TYR B 8 -15.75 -8.56 -23.39
CA TYR B 8 -17.01 -7.81 -23.50
C TYR B 8 -16.90 -6.73 -24.58
N TYR B 9 -15.70 -6.53 -25.14
CA TYR B 9 -15.47 -5.47 -26.10
C TYR B 9 -15.16 -6.07 -27.47
N GLU B 10 -15.79 -5.51 -28.51
CA GLU B 10 -15.41 -5.82 -29.89
C GLU B 10 -14.65 -4.64 -30.47
N ILE B 11 -13.39 -4.88 -30.85
CA ILE B 11 -12.51 -3.88 -31.41
C ILE B 11 -12.87 -3.64 -32.88
N ASP B 12 -12.88 -2.37 -33.30
CA ASP B 12 -13.33 -2.02 -34.64
C ASP B 12 -12.53 -0.87 -35.24
N ARG B 13 -11.36 -0.54 -34.67
CA ARG B 13 -10.48 0.46 -35.26
C ARG B 13 -9.25 0.61 -34.37
N THR B 14 -8.08 0.82 -34.99
CA THR B 14 -6.91 1.27 -34.25
C THR B 14 -6.62 2.71 -34.64
N ILE B 15 -6.59 3.58 -33.63
CA ILE B 15 -6.58 5.02 -33.83
C ILE B 15 -5.30 5.66 -33.27
N GLY B 16 -4.52 4.87 -32.51
CA GLY B 16 -3.33 5.35 -31.84
C GLY B 16 -2.24 4.29 -31.83
N LYS B 17 -0.99 4.71 -32.03
CA LYS B 17 0.17 3.83 -32.00
C LYS B 17 1.41 4.66 -31.63
N GLY B 18 1.79 4.58 -30.36
CA GLY B 18 2.94 5.34 -29.88
C GLY B 18 3.29 4.99 -28.44
N ASN B 19 4.54 5.24 -28.07
CA ASN B 19 5.14 4.72 -26.84
C ASN B 19 5.10 3.20 -26.90
N PHE B 20 4.71 2.58 -25.78
CA PHE B 20 4.51 1.14 -25.70
C PHE B 20 3.01 0.87 -25.63
N ALA B 21 2.23 1.63 -26.42
CA ALA B 21 0.77 1.56 -26.37
C ALA B 21 0.16 1.60 -27.76
N VAL B 22 -1.00 0.94 -27.87
CA VAL B 22 -1.90 1.04 -29.00
C VAL B 22 -3.30 1.34 -28.46
N VAL B 23 -3.98 2.30 -29.11
CA VAL B 23 -5.35 2.64 -28.77
C VAL B 23 -6.26 2.19 -29.91
N LYS B 24 -7.43 1.64 -29.52
CA LYS B 24 -8.42 1.10 -30.44
C LYS B 24 -9.80 1.67 -30.10
N ARG B 25 -10.66 1.79 -31.10
CA ARG B 25 -12.07 1.95 -30.81
C ARG B 25 -12.69 0.56 -30.66
N ALA B 26 -13.62 0.44 -29.69
CA ALA B 26 -14.36 -0.78 -29.45
C ALA B 26 -15.79 -0.43 -29.06
N THR B 27 -16.64 -1.46 -29.12
CA THR B 27 -18.03 -1.42 -28.73
C THR B 27 -18.22 -2.40 -27.57
N HIS B 28 -18.84 -1.93 -26.47
CA HIS B 28 -19.23 -2.83 -25.39
C HIS B 28 -20.40 -3.67 -25.87
N LEU B 29 -20.25 -5.00 -25.78
CA LEU B 29 -21.18 -5.92 -26.43
C LEU B 29 -22.47 -6.03 -25.65
N VAL B 30 -22.50 -5.48 -24.42
CA VAL B 30 -23.72 -5.48 -23.62
C VAL B 30 -24.40 -4.12 -23.72
N THR B 31 -23.65 -3.04 -23.40
CA THR B 31 -24.24 -1.72 -23.23
C THR B 31 -24.29 -0.99 -24.58
N LYS B 32 -23.47 -1.42 -25.54
CA LYS B 32 -23.45 -0.85 -26.89
C LYS B 32 -22.61 0.42 -26.94
N ALA B 33 -21.98 0.78 -25.81
CA ALA B 33 -21.21 2.02 -25.74
C ALA B 33 -19.94 1.91 -26.59
N LYS B 34 -19.62 3.03 -27.25
CA LYS B 34 -18.34 3.19 -27.92
C LYS B 34 -17.30 3.59 -26.87
N VAL B 35 -16.12 2.95 -26.94
CA VAL B 35 -15.05 3.20 -25.98
C VAL B 35 -13.73 3.25 -26.74
N ALA B 36 -12.71 3.83 -26.09
CA ALA B 36 -11.33 3.73 -26.47
C ALA B 36 -10.64 2.74 -25.52
N ILE B 37 -9.86 1.82 -26.09
CA ILE B 37 -9.06 0.88 -25.28
C ILE B 37 -7.58 1.11 -25.57
N LYS B 38 -6.81 1.44 -24.53
CA LYS B 38 -5.36 1.54 -24.63
C LYS B 38 -4.73 0.26 -24.11
N ILE B 39 -3.85 -0.31 -24.91
CA ILE B 39 -3.24 -1.60 -24.67
C ILE B 39 -1.76 -1.34 -24.44
N ILE B 40 -1.27 -1.70 -23.24
CA ILE B 40 0.10 -1.43 -22.84
C ILE B 40 0.80 -2.77 -22.61
N ASP B 41 1.90 -3.01 -23.32
CA ASP B 41 2.72 -4.20 -23.10
C ASP B 41 3.69 -3.90 -21.97
N LYS B 42 3.54 -4.62 -20.85
CA LYS B 42 4.31 -4.40 -19.63
C LYS B 42 5.72 -4.97 -19.80
N THR B 43 5.87 -5.90 -20.76
CA THR B 43 7.15 -6.54 -21.02
C THR B 43 8.07 -5.60 -21.79
N GLN B 44 7.53 -4.47 -22.26
CA GLN B 44 8.35 -3.40 -22.84
C GLN B 44 8.74 -2.39 -21.78
N LEU B 45 7.95 -2.31 -20.69
CA LEU B 45 8.03 -1.16 -19.82
C LEU B 45 9.14 -1.37 -18.79
N ASP B 46 9.86 -0.27 -18.51
CA ASP B 46 11.20 -0.34 -17.94
C ASP B 46 11.12 -0.51 -16.43
N GLU B 47 9.90 -0.68 -15.90
CA GLU B 47 9.64 -0.82 -14.47
C GLU B 47 10.07 0.45 -13.73
N GLU B 48 9.39 0.76 -12.63
CA GLU B 48 9.33 2.13 -12.12
C GLU B 48 8.51 2.98 -13.10
N ASN B 49 8.64 2.69 -14.41
CA ASN B 49 7.69 3.12 -15.42
C ASN B 49 6.35 2.43 -15.19
N LEU B 50 6.38 1.18 -14.71
CA LEU B 50 5.16 0.47 -14.39
C LEU B 50 4.53 1.04 -13.13
N LYS B 51 5.36 1.49 -12.18
CA LYS B 51 4.87 2.14 -10.97
C LYS B 51 4.31 3.52 -11.31
N LYS B 52 4.81 4.13 -12.38
CA LYS B 52 4.30 5.41 -12.88
C LYS B 52 2.93 5.22 -13.51
N ILE B 53 2.81 4.30 -14.49
CA ILE B 53 1.55 3.99 -15.16
C ILE B 53 0.49 3.65 -14.10
N PHE B 54 0.89 2.94 -13.04
CA PHE B 54 -0.05 2.56 -12.00
C PHE B 54 -0.54 3.78 -11.22
N ARG B 55 0.30 4.80 -11.02
CA ARG B 55 -0.11 6.02 -10.34
C ARG B 55 -0.99 6.87 -11.26
N GLU B 56 -0.64 6.95 -12.55
CA GLU B 56 -1.42 7.62 -13.57
C GLU B 56 -2.87 7.12 -13.53
N VAL B 57 -3.03 5.80 -13.51
CA VAL B 57 -4.33 5.15 -13.58
C VAL B 57 -5.15 5.46 -12.33
N GLN B 58 -4.50 5.44 -11.16
CA GLN B 58 -5.13 5.78 -9.90
C GLN B 58 -5.61 7.24 -9.89
N ILE B 59 -4.85 8.14 -10.49
CA ILE B 59 -5.23 9.57 -10.59
C ILE B 59 -6.43 9.74 -11.52
N MET B 60 -6.45 9.05 -12.68
CA MET B 60 -7.55 9.11 -13.63
C MET B 60 -8.87 8.67 -12.97
N LYS B 61 -8.80 7.74 -12.01
CA LYS B 61 -9.97 7.23 -11.29
C LYS B 61 -10.54 8.31 -10.38
N MET B 62 -9.70 9.25 -9.94
CA MET B 62 -10.13 10.35 -9.07
C MET B 62 -10.84 11.44 -9.87
N LEU B 63 -10.83 11.37 -11.19
CA LEU B 63 -11.27 12.50 -12.02
C LEU B 63 -12.49 12.09 -12.83
N SER B 64 -13.66 12.47 -12.30
CA SER B 64 -14.96 12.41 -12.95
C SER B 64 -15.42 13.85 -13.21
N HIS B 65 -15.50 14.23 -14.49
CA HIS B 65 -15.72 15.60 -14.89
C HIS B 65 -16.14 15.63 -16.36
N PRO B 66 -17.00 16.58 -16.78
CA PRO B 66 -17.42 16.69 -18.18
C PRO B 66 -16.34 16.93 -19.23
N HIS B 67 -15.23 17.57 -18.84
CA HIS B 67 -14.15 17.90 -19.78
C HIS B 67 -12.89 17.12 -19.46
N ILE B 68 -13.07 15.94 -18.86
CA ILE B 68 -11.99 14.98 -18.63
C ILE B 68 -12.47 13.62 -19.11
N ILE B 69 -11.65 12.92 -19.89
CA ILE B 69 -12.05 11.60 -20.36
C ILE B 69 -12.28 10.73 -19.14
N ARG B 70 -13.33 9.90 -19.25
CA ARG B 70 -13.79 9.05 -18.18
C ARG B 70 -13.22 7.65 -18.34
N LEU B 71 -12.54 7.16 -17.29
CA LEU B 71 -12.07 5.79 -17.23
C LEU B 71 -13.18 4.88 -16.76
N TYR B 72 -13.36 3.75 -17.47
CA TYR B 72 -14.47 2.83 -17.21
C TYR B 72 -13.99 1.48 -16.71
N GLN B 73 -12.82 1.02 -17.19
CA GLN B 73 -12.39 -0.33 -16.86
C GLN B 73 -10.90 -0.50 -17.04
N VAL B 74 -10.32 -1.28 -16.13
CA VAL B 74 -8.95 -1.73 -16.24
C VAL B 74 -8.99 -3.26 -16.32
N MET B 75 -8.36 -3.79 -17.37
CA MET B 75 -8.16 -5.23 -17.49
C MET B 75 -6.66 -5.50 -17.51
N GLU B 76 -6.24 -6.59 -16.87
CA GLU B 76 -4.83 -6.87 -16.74
C GLU B 76 -4.57 -8.35 -17.07
N THR B 77 -3.60 -8.59 -17.94
CA THR B 77 -3.06 -9.93 -18.15
C THR B 77 -1.60 -9.93 -17.70
N GLU B 78 -0.98 -11.11 -17.74
CA GLU B 78 0.41 -11.27 -17.35
C GLU B 78 1.28 -10.35 -18.19
N ARG B 79 0.92 -10.20 -19.48
CA ARG B 79 1.72 -9.43 -20.43
C ARG B 79 1.20 -8.00 -20.53
N MET B 80 -0.14 -7.82 -20.56
CA MET B 80 -0.75 -6.59 -21.07
C MET B 80 -1.63 -5.91 -20.02
N ILE B 81 -1.68 -4.57 -20.11
CA ILE B 81 -2.64 -3.72 -19.40
C ILE B 81 -3.62 -3.14 -20.43
N TYR B 82 -4.91 -3.11 -20.07
CA TYR B 82 -5.94 -2.55 -20.92
C TYR B 82 -6.70 -1.44 -20.18
N LEU B 83 -6.74 -0.24 -20.75
CA LEU B 83 -7.48 0.87 -20.16
C LEU B 83 -8.65 1.23 -21.07
N VAL B 84 -9.89 1.08 -20.56
CA VAL B 84 -11.09 1.39 -21.31
C VAL B 84 -11.60 2.77 -20.89
N THR B 85 -11.73 3.70 -21.84
CA THR B 85 -12.20 5.04 -21.53
C THR B 85 -13.36 5.42 -22.44
N GLU B 86 -14.04 6.49 -22.06
CA GLU B 86 -14.96 7.23 -22.93
C GLU B 86 -14.30 7.54 -24.28
N TYR B 87 -15.08 7.45 -25.36
CA TYR B 87 -14.58 7.72 -26.70
C TYR B 87 -14.88 9.17 -27.08
N ALA B 88 -13.87 9.90 -27.54
CA ALA B 88 -14.04 11.27 -28.01
C ALA B 88 -14.10 11.28 -29.54
N SER B 89 -15.30 11.43 -30.09
CA SER B 89 -15.51 11.14 -31.50
C SER B 89 -15.24 12.38 -32.34
N GLY B 90 -14.63 13.40 -31.74
CA GLY B 90 -14.20 14.57 -32.49
C GLY B 90 -12.72 14.49 -32.85
N GLY B 91 -12.01 13.56 -32.23
CA GLY B 91 -10.58 13.39 -32.46
C GLY B 91 -9.76 14.34 -31.59
N GLU B 92 -8.56 14.64 -32.11
CA GLU B 92 -7.60 15.52 -31.45
C GLU B 92 -7.69 16.91 -32.03
N ILE B 93 -7.35 17.89 -31.21
CA ILE B 93 -7.29 19.28 -31.61
C ILE B 93 -6.27 19.49 -32.72
N PHE B 94 -5.16 18.74 -32.71
CA PHE B 94 -4.14 18.83 -33.75
C PHE B 94 -4.77 18.78 -35.14
N ASP B 95 -5.66 17.79 -35.35
CA ASP B 95 -6.20 17.51 -36.67
C ASP B 95 -7.17 18.59 -37.09
N HIS B 96 -7.83 19.19 -36.09
CA HIS B 96 -8.78 20.27 -36.28
C HIS B 96 -8.05 21.54 -36.70
N LEU B 97 -6.86 21.78 -36.11
CA LEU B 97 -6.04 22.92 -36.47
C LEU B 97 -5.40 22.73 -37.83
N VAL B 98 -4.95 21.51 -38.16
CA VAL B 98 -4.40 21.27 -39.48
C VAL B 98 -5.50 21.48 -40.52
N ALA B 99 -6.72 21.04 -40.21
CA ALA B 99 -7.84 21.13 -41.14
C ALA B 99 -8.29 22.58 -41.33
N HIS B 100 -8.45 23.34 -40.24
CA HIS B 100 -9.18 24.60 -40.32
C HIS B 100 -8.36 25.82 -39.89
N GLY B 101 -7.14 25.61 -39.36
CA GLY B 101 -6.26 26.72 -39.01
C GLY B 101 -6.67 27.39 -37.70
N ARG B 102 -6.16 28.62 -37.46
CA ARG B 102 -6.36 29.32 -36.19
C ARG B 102 -7.86 29.48 -35.94
N MET B 103 -8.24 29.43 -34.65
CA MET B 103 -9.62 29.52 -34.24
C MET B 103 -9.98 31.00 -34.06
N ALA B 104 -11.24 31.34 -34.38
CA ALA B 104 -11.79 32.62 -33.97
C ALA B 104 -11.86 32.65 -32.45
N GLU B 105 -11.69 33.84 -31.86
CA GLU B 105 -11.66 33.99 -30.41
C GLU B 105 -12.98 33.50 -29.80
N LYS B 106 -14.08 33.60 -30.57
CA LYS B 106 -15.37 33.06 -30.18
C LYS B 106 -15.23 31.56 -29.93
N GLU B 107 -14.60 30.85 -30.89
CA GLU B 107 -14.38 29.43 -30.75
C GLU B 107 -13.35 29.19 -29.65
N ALA B 108 -12.29 30.00 -29.61
CA ALA B 108 -11.20 29.76 -28.68
C ALA B 108 -11.67 29.92 -27.24
N ARG B 109 -12.64 30.83 -27.01
CA ARG B 109 -13.11 31.14 -25.67
C ARG B 109 -13.94 29.99 -25.12
N ARG B 110 -14.84 29.46 -25.96
CA ARG B 110 -15.64 28.29 -25.62
C ARG B 110 -14.73 27.16 -25.13
N LYS B 111 -13.70 26.84 -25.94
CA LYS B 111 -12.88 25.66 -25.70
C LYS B 111 -11.95 25.89 -24.52
N PHE B 112 -11.37 27.10 -24.44
CA PHE B 112 -10.45 27.44 -23.36
C PHE B 112 -11.17 27.47 -22.01
N LYS B 113 -12.43 27.96 -22.00
CA LYS B 113 -13.22 27.90 -20.78
C LYS B 113 -13.42 26.46 -20.31
N GLN B 114 -13.60 25.54 -21.27
CA GLN B 114 -13.76 24.12 -20.99
C GLN B 114 -12.44 23.52 -20.48
N ILE B 115 -11.32 23.89 -21.10
CA ILE B 115 -10.01 23.46 -20.67
C ILE B 115 -9.77 23.90 -19.22
N VAL B 116 -10.06 25.18 -18.94
CA VAL B 116 -9.76 25.74 -17.64
C VAL B 116 -10.62 25.08 -16.55
N THR B 117 -11.89 24.82 -16.86
CA THR B 117 -12.82 24.06 -16.03
C THR B 117 -12.19 22.73 -15.57
N ALA B 118 -11.64 21.98 -16.53
CA ALA B 118 -11.08 20.67 -16.28
C ALA B 118 -9.83 20.78 -15.40
N VAL B 119 -8.95 21.73 -15.72
CA VAL B 119 -7.69 21.90 -15.03
C VAL B 119 -7.92 22.42 -13.61
N TYR B 120 -8.89 23.33 -13.47
CA TYR B 120 -9.27 23.88 -12.17
C TYR B 120 -9.74 22.76 -11.24
N PHE B 121 -10.48 21.80 -11.81
CA PHE B 121 -10.98 20.64 -11.08
C PHE B 121 -9.82 19.74 -10.61
N CYS B 122 -8.85 19.52 -11.49
CA CYS B 122 -7.65 18.78 -11.11
C CYS B 122 -6.98 19.45 -9.91
N HIS B 123 -6.77 20.77 -10.00
CA HIS B 123 -6.09 21.49 -8.93
C HIS B 123 -6.88 21.37 -7.63
N SER B 124 -8.21 21.44 -7.71
CA SER B 124 -9.09 21.31 -6.54
C SER B 124 -8.96 19.93 -5.89
N ARG B 125 -8.55 18.93 -6.66
CA ARG B 125 -8.26 17.59 -6.14
C ARG B 125 -6.76 17.39 -5.98
N ASN B 126 -5.97 18.47 -5.93
CA ASN B 126 -4.55 18.39 -5.66
C ASN B 126 -3.84 17.55 -6.74
N ILE B 127 -4.29 17.70 -7.99
CA ILE B 127 -3.63 17.07 -9.12
C ILE B 127 -3.16 18.18 -10.05
N VAL B 128 -1.88 18.09 -10.46
CA VAL B 128 -1.34 18.90 -11.53
C VAL B 128 -1.13 18.02 -12.75
N HIS B 129 -1.47 18.53 -13.93
CA HIS B 129 -1.42 17.79 -15.17
C HIS B 129 0.01 17.70 -15.68
N ARG B 130 0.68 18.88 -15.81
CA ARG B 130 2.10 19.04 -16.12
C ARG B 130 2.47 18.54 -17.53
N ASP B 131 1.47 18.48 -18.41
CA ASP B 131 1.68 18.15 -19.81
C ASP B 131 0.54 18.72 -20.63
N LEU B 132 0.03 19.89 -20.24
CA LEU B 132 -1.07 20.50 -20.99
C LEU B 132 -0.51 20.95 -22.31
N LYS B 133 -1.06 20.40 -23.41
CA LYS B 133 -0.67 20.85 -24.74
C LYS B 133 -1.91 20.79 -25.61
N ALA B 134 -1.95 21.73 -26.57
CA ALA B 134 -3.11 21.90 -27.44
C ALA B 134 -3.36 20.60 -28.21
N GLU B 135 -2.30 20.09 -28.82
CA GLU B 135 -2.42 19.13 -29.90
C GLU B 135 -3.15 17.86 -29.44
N ASN B 136 -2.94 17.45 -28.18
CA ASN B 136 -3.40 16.15 -27.70
C ASN B 136 -4.72 16.27 -26.94
N LEU B 137 -5.30 17.48 -26.84
CA LEU B 137 -6.64 17.67 -26.31
C LEU B 137 -7.63 16.94 -27.21
N LEU B 138 -8.63 16.30 -26.58
CA LEU B 138 -9.59 15.48 -27.30
C LEU B 138 -10.88 16.29 -27.42
N LEU B 139 -11.67 15.93 -28.43
CA LEU B 139 -12.94 16.61 -28.71
C LEU B 139 -14.05 15.56 -28.80
N ASP B 140 -15.19 15.82 -28.16
CA ASP B 140 -16.33 14.94 -28.29
C ASP B 140 -17.08 15.27 -29.58
N ALA B 141 -18.25 14.63 -29.80
CA ALA B 141 -18.94 14.74 -31.07
C ALA B 141 -19.36 16.19 -31.40
N ASN B 142 -19.48 17.05 -30.38
CA ASN B 142 -19.84 18.45 -30.59
C ASN B 142 -18.63 19.36 -30.51
N LEU B 143 -17.42 18.77 -30.57
CA LEU B 143 -16.16 19.47 -30.45
C LEU B 143 -16.07 20.18 -29.10
N ASN B 144 -16.57 19.49 -28.07
CA ASN B 144 -16.36 19.87 -26.69
C ASN B 144 -15.09 19.18 -26.20
N ILE B 145 -14.36 19.89 -25.35
CA ILE B 145 -13.05 19.50 -24.90
C ILE B 145 -13.16 18.33 -23.91
N LYS B 146 -12.21 17.41 -24.05
CA LYS B 146 -11.91 16.39 -23.06
C LYS B 146 -10.39 16.34 -22.90
N ILE B 147 -9.90 16.50 -21.66
CA ILE B 147 -8.47 16.33 -21.41
C ILE B 147 -8.25 14.85 -21.12
N ALA B 148 -7.21 14.22 -21.71
CA ALA B 148 -7.14 12.75 -21.73
C ALA B 148 -5.83 12.18 -21.15
N ASP B 149 -4.69 12.80 -21.44
CA ASP B 149 -3.39 12.21 -21.15
C ASP B 149 -2.79 12.80 -19.87
N PHE B 150 -2.83 11.98 -18.81
CA PHE B 150 -2.39 12.35 -17.47
C PHE B 150 -1.09 11.63 -17.13
N GLY B 151 -0.28 11.32 -18.15
CA GLY B 151 0.94 10.53 -18.01
C GLY B 151 2.05 11.24 -17.22
N PHE B 152 1.98 12.57 -17.14
CA PHE B 152 2.97 13.39 -16.45
C PHE B 152 2.37 14.03 -15.19
N SER B 153 1.12 13.69 -14.88
CA SER B 153 0.39 14.27 -13.77
C SER B 153 0.89 13.68 -12.47
N ASN B 154 0.56 14.36 -11.37
CA ASN B 154 0.98 13.93 -10.05
C ASN B 154 0.11 14.65 -9.02
N LEU B 155 0.10 14.11 -7.79
CA LEU B 155 -0.42 14.81 -6.64
C LEU B 155 0.54 15.96 -6.32
N PHE B 156 -0.04 17.08 -5.84
CA PHE B 156 0.75 18.12 -5.19
C PHE B 156 0.06 18.48 -3.88
N THR B 157 0.84 18.89 -2.89
CA THR B 157 0.32 19.51 -1.68
C THR B 157 0.47 21.03 -1.86
N PRO B 158 -0.62 21.82 -1.81
CA PRO B 158 -0.54 23.28 -1.92
C PRO B 158 0.53 23.87 -1.00
N GLY B 159 1.49 24.58 -1.59
CA GLY B 159 2.62 25.13 -0.88
C GLY B 159 3.90 24.31 -1.09
N GLN B 160 3.76 23.01 -1.38
CA GLN B 160 4.91 22.14 -1.56
C GLN B 160 5.32 22.11 -3.03
N LEU B 161 6.62 21.88 -3.25
CA LEU B 161 7.27 21.97 -4.54
C LEU B 161 7.38 20.57 -5.16
N LEU B 162 7.34 20.53 -6.51
CA LEU B 162 7.63 19.31 -7.26
C LEU B 162 9.04 19.46 -7.83
N LYS B 163 9.65 18.37 -8.32
CA LYS B 163 11.03 18.42 -8.80
C LYS B 163 11.24 17.49 -9.99
N TPO B 164 10.19 17.31 -10.80
CA TPO B 164 10.24 16.46 -11.99
CB TPO B 164 9.21 15.32 -11.91
CG2 TPO B 164 9.38 14.31 -13.01
OG1 TPO B 164 9.34 14.63 -10.61
P TPO B 164 7.98 14.28 -9.80
O1P TPO B 164 7.10 13.55 -10.82
O2P TPO B 164 8.39 13.40 -8.64
O3P TPO B 164 7.41 15.60 -9.36
C TPO B 164 9.96 17.30 -13.23
O TPO B 164 8.93 17.95 -13.32
N TRP B 165 10.92 17.32 -14.16
CA TRP B 165 10.71 17.97 -15.44
C TRP B 165 9.60 17.24 -16.18
N CYS B 166 8.68 18.00 -16.77
CA CYS B 166 7.60 17.39 -17.49
C CYS B 166 7.24 18.16 -18.75
N GLY B 167 6.82 17.37 -19.74
CA GLY B 167 5.99 17.86 -20.83
C GLY B 167 6.82 18.06 -22.09
N SER B 168 6.18 18.75 -23.03
CA SER B 168 6.83 19.12 -24.28
C SER B 168 7.52 20.47 -24.11
N PRO B 169 8.78 20.62 -24.53
CA PRO B 169 9.51 21.88 -24.42
C PRO B 169 8.74 23.13 -24.85
N PRO B 170 7.96 23.12 -25.96
CA PRO B 170 7.25 24.34 -26.39
C PRO B 170 6.22 24.87 -25.39
N TYR B 171 5.76 24.00 -24.48
CA TYR B 171 4.75 24.32 -23.47
C TYR B 171 5.34 24.42 -22.06
N ALA B 172 6.63 24.12 -21.92
CA ALA B 172 7.23 24.00 -20.59
C ALA B 172 7.63 25.39 -20.07
N ALA B 173 7.31 25.65 -18.79
CA ALA B 173 7.61 26.92 -18.15
C ALA B 173 9.11 27.08 -18.00
N PRO B 174 9.64 28.33 -17.93
CA PRO B 174 11.08 28.56 -17.84
C PRO B 174 11.73 27.82 -16.68
N GLU B 175 11.03 27.71 -15.53
CA GLU B 175 11.62 27.11 -14.34
C GLU B 175 11.89 25.62 -14.54
N LEU B 176 11.23 25.00 -15.54
CA LEU B 176 11.43 23.60 -15.85
C LEU B 176 12.71 23.44 -16.66
N PHE B 177 12.95 24.38 -17.59
CA PHE B 177 14.19 24.45 -18.34
C PHE B 177 15.38 24.69 -17.40
N GLU B 178 15.17 25.50 -16.36
CA GLU B 178 16.21 25.91 -15.43
C GLU B 178 16.48 24.82 -14.38
N GLY B 179 15.64 23.77 -14.36
CA GLY B 179 15.86 22.63 -13.49
C GLY B 179 15.45 22.90 -12.03
N LYS B 180 14.55 23.87 -11.83
CA LYS B 180 14.16 24.33 -10.51
C LYS B 180 13.06 23.43 -9.97
N GLU B 181 13.01 23.33 -8.62
CA GLU B 181 11.82 22.89 -7.92
C GLU B 181 10.74 23.94 -8.10
N TYR B 182 9.49 23.50 -8.27
CA TYR B 182 8.48 24.37 -8.86
C TYR B 182 7.13 24.11 -8.20
N ASP B 183 6.33 25.18 -8.19
CA ASP B 183 4.91 25.12 -7.90
C ASP B 183 4.20 24.42 -9.05
N GLY B 184 3.40 23.40 -8.71
CA GLY B 184 2.70 22.60 -9.71
C GLY B 184 1.76 23.45 -10.56
N PRO B 185 0.72 24.09 -9.96
CA PRO B 185 -0.24 24.91 -10.70
C PRO B 185 0.35 26.01 -11.58
N LYS B 186 1.45 26.64 -11.14
CA LYS B 186 2.04 27.75 -11.87
C LYS B 186 2.64 27.23 -13.18
N VAL B 187 3.11 25.99 -13.18
CA VAL B 187 3.58 25.31 -14.37
C VAL B 187 2.41 25.08 -15.33
N ASP B 188 1.27 24.62 -14.79
CA ASP B 188 0.07 24.39 -15.59
C ASP B 188 -0.48 25.71 -16.15
N ILE B 189 -0.38 26.79 -15.38
CA ILE B 189 -0.85 28.09 -15.83
C ILE B 189 0.02 28.60 -16.98
N TRP B 190 1.34 28.38 -16.93
CA TRP B 190 2.21 28.71 -18.06
C TRP B 190 1.78 27.93 -19.29
N SER B 191 1.59 26.60 -19.15
CA SER B 191 1.24 25.75 -20.27
C SER B 191 -0.06 26.22 -20.92
N LEU B 192 -1.03 26.64 -20.09
CA LEU B 192 -2.33 27.15 -20.53
C LEU B 192 -2.17 28.42 -21.36
N GLY B 193 -1.13 29.20 -21.06
CA GLY B 193 -0.84 30.42 -21.80
C GLY B 193 -0.42 30.14 -23.23
N VAL B 194 0.35 29.05 -23.38
CA VAL B 194 0.84 28.59 -24.67
C VAL B 194 -0.30 27.95 -25.45
N VAL B 195 -1.12 27.13 -24.76
CA VAL B 195 -2.34 26.55 -25.32
C VAL B 195 -3.26 27.64 -25.84
N LEU B 196 -3.51 28.71 -25.07
CA LEU B 196 -4.43 29.75 -25.51
C LEU B 196 -3.86 30.43 -26.76
N TYR B 197 -2.56 30.69 -26.74
CA TYR B 197 -1.89 31.37 -27.84
C TYR B 197 -2.03 30.51 -29.11
N VAL B 198 -1.79 29.20 -28.97
CA VAL B 198 -1.84 28.28 -30.09
C VAL B 198 -3.25 28.24 -30.70
N LEU B 199 -4.26 28.22 -29.83
CA LEU B 199 -5.65 28.12 -30.27
C LEU B 199 -6.01 29.33 -31.12
N VAL B 200 -5.65 30.53 -30.64
CA VAL B 200 -6.04 31.78 -31.28
C VAL B 200 -5.12 32.12 -32.46
N CYS B 201 -3.84 31.71 -32.38
CA CYS B 201 -2.86 32.10 -33.38
C CYS B 201 -2.55 30.99 -34.37
N GLY B 202 -2.84 29.74 -34.00
CA GLY B 202 -2.50 28.61 -34.84
C GLY B 202 -0.99 28.43 -34.98
N ALA B 203 -0.23 28.92 -33.99
CA ALA B 203 1.22 28.77 -34.01
C ALA B 203 1.75 28.96 -32.60
N LEU B 204 3.00 28.52 -32.37
CA LEU B 204 3.62 28.56 -31.06
C LEU B 204 4.17 29.96 -30.78
N PRO B 205 4.12 30.43 -29.50
CA PRO B 205 4.77 31.67 -29.11
C PRO B 205 6.29 31.58 -29.01
N PHE B 206 6.79 30.39 -28.63
CA PHE B 206 8.21 30.13 -28.50
C PHE B 206 8.58 28.91 -29.35
N ASP B 207 9.56 29.08 -30.23
CA ASP B 207 9.98 27.98 -31.09
C ASP B 207 11.43 28.21 -31.48
N GLY B 208 12.04 27.21 -32.13
CA GLY B 208 13.40 27.30 -32.60
C GLY B 208 13.78 26.03 -33.34
N SER B 209 14.85 26.11 -34.12
CA SER B 209 15.32 25.06 -35.01
C SER B 209 15.98 23.93 -34.21
N THR B 210 16.46 24.30 -33.01
CA THR B 210 17.06 23.35 -32.08
C THR B 210 16.40 23.56 -30.72
N LEU B 211 16.58 22.57 -29.84
CA LEU B 211 16.04 22.66 -28.50
C LEU B 211 16.74 23.79 -27.71
N GLN B 212 18.03 23.99 -28.01
CA GLN B 212 18.82 25.02 -27.35
C GLN B 212 18.25 26.39 -27.71
N ASN B 213 17.92 26.61 -28.99
CA ASN B 213 17.33 27.86 -29.44
C ASN B 213 15.99 28.09 -28.75
N LEU B 214 15.15 27.05 -28.74
CA LEU B 214 13.82 27.12 -28.15
C LEU B 214 13.93 27.49 -26.67
N ARG B 215 14.84 26.81 -25.96
CA ARG B 215 15.08 27.06 -24.55
C ARG B 215 15.36 28.56 -24.32
N ALA B 216 16.21 29.14 -25.15
CA ALA B 216 16.58 30.54 -25.00
C ALA B 216 15.39 31.45 -25.26
N ARG B 217 14.54 31.09 -26.23
CA ARG B 217 13.31 31.80 -26.54
C ARG B 217 12.38 31.87 -25.32
N VAL B 218 12.22 30.75 -24.61
CA VAL B 218 11.29 30.68 -23.49
C VAL B 218 11.81 31.58 -22.36
N LEU B 219 13.10 31.45 -22.04
CA LEU B 219 13.72 32.17 -20.93
C LEU B 219 13.71 33.68 -21.21
N SER B 220 13.75 34.06 -22.49
CA SER B 220 13.67 35.46 -22.90
C SER B 220 12.32 36.07 -22.52
N GLY B 221 11.25 35.28 -22.70
CA GLY B 221 9.92 35.70 -22.35
C GLY B 221 9.30 36.66 -23.36
N LYS B 222 9.92 36.79 -24.54
CA LYS B 222 9.40 37.63 -25.59
C LYS B 222 8.69 36.76 -26.64
N PHE B 223 7.53 37.24 -27.10
CA PHE B 223 6.78 36.60 -28.18
C PHE B 223 5.98 37.66 -28.92
N ARG B 224 5.53 37.31 -30.13
CA ARG B 224 4.81 38.20 -31.01
C ARG B 224 3.31 38.12 -30.72
N ILE B 225 2.70 39.28 -30.52
CA ILE B 225 1.24 39.38 -30.50
C ILE B 225 0.79 39.74 -31.91
N PRO B 226 0.09 38.84 -32.63
CA PRO B 226 -0.33 39.11 -34.00
C PRO B 226 -1.41 40.19 -34.06
N PHE B 227 -1.49 40.86 -35.21
CA PHE B 227 -2.34 42.02 -35.42
C PHE B 227 -3.80 41.66 -35.14
N PHE B 228 -4.16 40.40 -35.40
CA PHE B 228 -5.55 39.95 -35.32
C PHE B 228 -5.99 39.66 -33.88
N MET B 229 -5.04 39.63 -32.93
CA MET B 229 -5.35 39.27 -31.55
C MET B 229 -5.91 40.49 -30.81
N SER B 230 -7.05 40.29 -30.12
CA SER B 230 -7.71 41.34 -29.36
C SER B 230 -6.84 41.80 -28.19
N THR B 231 -7.13 42.98 -27.67
CA THR B 231 -6.38 43.57 -26.56
C THR B 231 -6.54 42.71 -25.31
N GLU B 232 -7.76 42.19 -25.12
CA GLU B 232 -8.12 41.46 -23.90
C GLU B 232 -7.45 40.09 -23.90
N CYS B 233 -7.46 39.42 -25.06
CA CYS B 233 -6.81 38.14 -25.23
C CYS B 233 -5.31 38.27 -25.01
N GLU B 234 -4.71 39.30 -25.62
CA GLU B 234 -3.29 39.61 -25.49
C GLU B 234 -2.91 39.77 -24.01
N HIS B 235 -3.77 40.47 -23.28
CA HIS B 235 -3.53 40.78 -21.89
C HIS B 235 -3.55 39.51 -21.04
N LEU B 236 -4.48 38.60 -21.34
CA LEU B 236 -4.63 37.36 -20.58
C LEU B 236 -3.35 36.53 -20.72
N ILE B 237 -2.91 36.35 -21.97
CA ILE B 237 -1.75 35.53 -22.31
C ILE B 237 -0.50 36.12 -21.65
N ARG B 238 -0.36 37.45 -21.72
CA ARG B 238 0.80 38.13 -21.16
C ARG B 238 0.80 38.02 -19.63
N HIS B 239 -0.35 37.75 -19.02
CA HIS B 239 -0.44 37.62 -17.57
C HIS B 239 -0.29 36.17 -17.12
N MET B 240 -0.23 35.25 -18.10
CA MET B 240 0.03 33.84 -17.84
C MET B 240 1.49 33.51 -18.17
N LEU B 241 1.97 34.03 -19.30
CA LEU B 241 3.32 33.80 -19.78
C LEU B 241 4.28 34.83 -19.16
N VAL B 242 4.40 34.79 -17.82
CA VAL B 242 5.29 35.64 -17.06
C VAL B 242 6.42 34.75 -16.53
N LEU B 243 7.66 35.25 -16.61
CA LEU B 243 8.83 34.46 -16.27
C LEU B 243 8.82 34.11 -14.78
N ASP B 244 8.58 35.10 -13.91
CA ASP B 244 8.44 34.85 -12.48
C ASP B 244 7.15 34.07 -12.24
N PRO B 245 7.24 32.83 -11.70
CA PRO B 245 6.04 32.04 -11.41
C PRO B 245 5.05 32.77 -10.49
N ASN B 246 5.59 33.66 -9.65
CA ASN B 246 4.83 34.30 -8.58
C ASN B 246 3.99 35.44 -9.13
N LYS B 247 4.34 35.94 -10.33
CA LYS B 247 3.62 37.05 -10.96
C LYS B 247 2.65 36.54 -12.03
N ARG B 248 2.48 35.23 -12.15
CA ARG B 248 1.49 34.66 -13.04
C ARG B 248 0.12 34.71 -12.36
N LEU B 249 -0.94 34.84 -13.18
CA LEU B 249 -2.31 34.74 -12.69
C LEU B 249 -2.52 33.42 -11.95
N SER B 250 -3.34 33.47 -10.91
CA SER B 250 -3.93 32.28 -10.31
C SER B 250 -5.00 31.72 -11.25
N MET B 251 -5.46 30.49 -10.95
CA MET B 251 -6.55 29.90 -11.70
C MET B 251 -7.84 30.67 -11.43
N GLU B 252 -7.99 31.13 -10.17
CA GLU B 252 -9.15 31.92 -9.76
C GLU B 252 -9.20 33.24 -10.54
N GLN B 253 -8.03 33.86 -10.77
CA GLN B 253 -7.93 35.13 -11.48
C GLN B 253 -8.20 34.90 -12.97
N ILE B 254 -7.70 33.78 -13.51
CA ILE B 254 -7.90 33.43 -14.91
C ILE B 254 -9.38 33.30 -15.24
N CYS B 255 -10.16 32.68 -14.35
CA CYS B 255 -11.58 32.48 -14.58
C CYS B 255 -12.31 33.82 -14.61
N LYS B 256 -11.74 34.84 -13.94
CA LYS B 256 -12.38 36.14 -13.76
C LYS B 256 -11.97 37.15 -14.83
N HIS B 257 -10.96 36.83 -15.65
CA HIS B 257 -10.43 37.79 -16.61
C HIS B 257 -11.53 38.21 -17.59
N LYS B 258 -11.40 39.44 -18.12
CA LYS B 258 -12.43 40.09 -18.93
C LYS B 258 -12.61 39.40 -20.28
N TRP B 259 -11.58 38.72 -20.78
CA TRP B 259 -11.67 37.96 -22.02
C TRP B 259 -12.62 36.77 -21.84
N MET B 260 -12.57 36.15 -20.65
CA MET B 260 -13.44 35.04 -20.32
C MET B 260 -14.90 35.50 -20.31
N LYS B 261 -15.16 36.66 -19.70
CA LYS B 261 -16.52 37.17 -19.56
C LYS B 261 -17.00 37.83 -20.86
N LEU B 262 -16.11 38.64 -21.42
CA LEU B 262 -16.21 39.31 -22.70
C LEU B 262 -17.60 39.87 -22.97
N GLY B 263 -18.55 39.00 -23.33
CA GLY B 263 -19.92 39.41 -23.64
C GLY B 263 -20.78 38.20 -24.00
N ASP B 264 -21.07 37.39 -22.98
CA ASP B 264 -21.64 36.07 -23.19
C ASP B 264 -22.74 35.80 -22.15
N ALA B 265 -22.34 35.78 -20.86
CA ALA B 265 -23.10 35.14 -19.80
C ALA B 265 -22.99 33.63 -19.99
N ASP B 266 -22.54 32.94 -18.93
CA ASP B 266 -22.20 31.52 -19.02
C ASP B 266 -22.40 30.88 -17.65
N PRO B 267 -23.66 30.55 -17.29
CA PRO B 267 -23.95 30.02 -15.96
C PRO B 267 -23.27 28.67 -15.69
N ASN B 268 -23.05 27.87 -16.74
CA ASN B 268 -22.49 26.53 -16.60
C ASN B 268 -21.01 26.60 -16.19
N PHE B 269 -20.27 27.51 -16.82
CA PHE B 269 -18.88 27.77 -16.46
C PHE B 269 -18.79 28.05 -14.96
N ASP B 270 -19.56 29.05 -14.50
CA ASP B 270 -19.50 29.54 -13.14
C ASP B 270 -19.94 28.46 -12.17
N ARG B 271 -20.92 27.64 -12.59
CA ARG B 271 -21.44 26.55 -11.79
C ARG B 271 -20.37 25.47 -11.63
N LEU B 272 -19.68 25.14 -12.72
CA LEU B 272 -18.64 24.13 -12.71
C LEU B 272 -17.43 24.59 -11.88
N ILE B 273 -17.07 25.87 -12.02
CA ILE B 273 -15.97 26.45 -11.26
C ILE B 273 -16.36 26.51 -9.78
N ALA B 274 -17.66 26.71 -9.51
CA ALA B 274 -18.16 26.79 -8.15
C ALA B 274 -18.11 25.41 -7.51
N GLU B 275 -18.49 24.40 -8.30
CA GLU B 275 -18.56 23.01 -7.85
C GLU B 275 -17.16 22.52 -7.50
N SER B 276 -16.17 22.92 -8.32
CA SER B 276 -14.79 22.57 -8.07
C SER B 276 -14.28 23.23 -6.78
N GLN B 277 -14.88 24.36 -6.39
CA GLN B 277 -14.48 25.11 -5.19
C GLN B 277 -15.07 24.51 -3.91
N GLN B 278 -16.20 23.81 -4.01
CA GLN B 278 -16.89 23.27 -2.84
C GLN B 278 -16.08 22.09 -2.28
N PRO B 287 -26.98 8.64 -4.27
CA PRO B 287 -26.19 7.71 -5.07
C PRO B 287 -26.65 6.27 -4.87
N LEU B 288 -25.98 5.35 -5.59
CA LEU B 288 -26.45 4.00 -5.87
C LEU B 288 -27.75 4.06 -6.68
N ASN B 289 -27.65 3.68 -7.96
CA ASN B 289 -28.79 3.70 -8.87
C ASN B 289 -29.41 2.30 -8.89
N GLU B 290 -30.59 2.16 -8.29
CA GLU B 290 -31.18 0.84 -8.07
C GLU B 290 -31.62 0.22 -9.41
N ASP B 291 -32.11 1.03 -10.34
CA ASP B 291 -32.58 0.51 -11.61
C ASP B 291 -31.40 0.02 -12.46
N VAL B 292 -30.21 0.60 -12.26
CA VAL B 292 -29.02 0.11 -12.91
C VAL B 292 -28.67 -1.26 -12.33
N LEU B 293 -28.69 -1.38 -10.99
CA LEU B 293 -28.37 -2.62 -10.30
C LEU B 293 -29.30 -3.74 -10.76
N LEU B 294 -30.58 -3.40 -10.96
CA LEU B 294 -31.61 -4.36 -11.36
C LEU B 294 -31.44 -4.76 -12.82
N ALA B 295 -31.12 -3.78 -13.68
CA ALA B 295 -30.86 -4.04 -15.09
C ALA B 295 -29.67 -4.99 -15.23
N MET B 296 -28.67 -4.79 -14.37
CA MET B 296 -27.46 -5.59 -14.33
C MET B 296 -27.78 -7.01 -13.85
N GLU B 297 -28.65 -7.12 -12.85
CA GLU B 297 -29.06 -8.39 -12.29
C GLU B 297 -29.75 -9.24 -13.36
N ASP B 298 -30.59 -8.59 -14.18
CA ASP B 298 -31.34 -9.26 -15.25
C ASP B 298 -30.41 -9.72 -16.38
N MET B 299 -29.22 -9.11 -16.47
CA MET B 299 -28.18 -9.55 -17.40
C MET B 299 -27.58 -10.88 -16.92
N GLY B 300 -27.41 -11.02 -15.60
CA GLY B 300 -26.78 -12.19 -15.01
C GLY B 300 -25.67 -11.82 -14.03
N LEU B 301 -25.54 -10.53 -13.73
CA LEU B 301 -24.58 -10.03 -12.76
C LEU B 301 -25.25 -9.89 -11.39
N ASP B 302 -24.83 -10.72 -10.44
CA ASP B 302 -25.33 -10.68 -9.06
C ASP B 302 -25.05 -9.30 -8.46
N LYS B 303 -26.06 -8.71 -7.83
CA LYS B 303 -25.98 -7.34 -7.30
C LYS B 303 -25.01 -7.26 -6.12
N GLU B 304 -24.71 -8.40 -5.48
CA GLU B 304 -23.79 -8.45 -4.36
C GLU B 304 -22.35 -8.21 -4.84
N GLN B 305 -21.96 -8.90 -5.92
CA GLN B 305 -20.63 -8.79 -6.49
C GLN B 305 -20.44 -7.42 -7.16
N THR B 306 -21.53 -6.87 -7.71
CA THR B 306 -21.54 -5.54 -8.28
C THR B 306 -21.23 -4.49 -7.21
N LEU B 307 -21.88 -4.62 -6.05
CA LEU B 307 -21.66 -3.71 -4.93
C LEU B 307 -20.25 -3.88 -4.36
N GLN B 308 -19.73 -5.10 -4.38
CA GLN B 308 -18.38 -5.39 -3.92
C GLN B 308 -17.37 -4.75 -4.88
N SER B 309 -17.62 -4.90 -6.18
CA SER B 309 -16.83 -4.29 -7.23
C SER B 309 -16.84 -2.77 -7.12
N LEU B 310 -17.99 -2.19 -6.80
CA LEU B 310 -18.12 -0.75 -6.63
C LEU B 310 -17.38 -0.28 -5.37
N ARG B 311 -17.59 -0.98 -4.25
CA ARG B 311 -17.03 -0.57 -2.97
C ARG B 311 -15.49 -0.65 -2.99
N SER B 312 -14.93 -1.60 -3.74
CA SER B 312 -13.50 -1.81 -3.76
C SER B 312 -12.82 -0.95 -4.82
N ASP B 313 -13.61 -0.23 -5.64
CA ASP B 313 -13.09 0.66 -6.68
C ASP B 313 -12.30 -0.16 -7.68
N ALA B 314 -12.90 -1.26 -8.16
CA ALA B 314 -12.21 -2.31 -8.88
C ALA B 314 -11.93 -1.90 -10.33
N TYR B 315 -12.85 -1.11 -10.93
CA TYR B 315 -12.80 -0.79 -12.35
C TYR B 315 -12.75 -2.10 -13.15
N ASP B 316 -13.61 -3.05 -12.77
CA ASP B 316 -13.70 -4.37 -13.39
C ASP B 316 -14.95 -4.44 -14.27
N HIS B 317 -15.31 -5.66 -14.68
CA HIS B 317 -16.47 -5.94 -15.51
C HIS B 317 -17.73 -5.30 -14.95
N TYR B 318 -17.94 -5.40 -13.63
CA TYR B 318 -19.17 -4.96 -13.00
C TYR B 318 -19.19 -3.44 -12.84
N SER B 319 -18.03 -2.85 -12.46
CA SER B 319 -17.90 -1.41 -12.32
C SER B 319 -18.18 -0.71 -13.65
N ALA B 320 -17.54 -1.23 -14.72
CA ALA B 320 -17.66 -0.70 -16.07
C ALA B 320 -19.11 -0.60 -16.50
N ILE B 321 -19.84 -1.71 -16.33
CA ILE B 321 -21.22 -1.79 -16.78
C ILE B 321 -22.10 -0.93 -15.86
N TYR B 322 -21.77 -0.84 -14.58
CA TYR B 322 -22.52 0.08 -13.72
C TYR B 322 -22.38 1.50 -14.24
N SER B 323 -21.12 1.91 -14.44
CA SER B 323 -20.80 3.27 -14.83
C SER B 323 -21.37 3.59 -16.22
N LEU B 324 -21.15 2.68 -17.17
CA LEU B 324 -21.57 2.89 -18.55
C LEU B 324 -23.08 3.11 -18.62
N LEU B 325 -23.85 2.40 -17.79
CA LEU B 325 -25.29 2.51 -17.76
C LEU B 325 -25.72 3.83 -17.14
N CYS B 326 -25.04 4.26 -16.05
CA CYS B 326 -25.39 5.48 -15.36
C CYS B 326 -25.17 6.72 -16.22
N ASP B 327 -24.12 6.72 -17.07
CA ASP B 327 -23.85 7.92 -17.86
C ASP B 327 -24.12 7.58 -19.32
N ALA C 4 -10.39 -3.99 47.39
CA ALA C 4 -10.99 -2.87 48.15
C ALA C 4 -12.31 -2.47 47.50
N ARG C 5 -13.18 -1.79 48.28
CA ARG C 5 -14.45 -1.29 47.80
C ARG C 5 -14.51 0.22 47.98
N ILE C 6 -15.16 0.90 47.03
CA ILE C 6 -15.27 2.34 47.00
C ILE C 6 -16.69 2.68 46.55
N GLY C 7 -17.55 3.00 47.53
CA GLY C 7 -18.98 2.99 47.33
C GLY C 7 -19.44 1.61 46.87
N TYR C 8 -20.03 1.59 45.67
CA TYR C 8 -20.60 0.38 45.08
C TYR C 8 -19.60 -0.29 44.15
N TYR C 9 -18.32 0.11 44.19
CA TYR C 9 -17.32 -0.40 43.27
C TYR C 9 -16.33 -1.28 44.01
N GLU C 10 -15.99 -2.44 43.43
CA GLU C 10 -14.90 -3.26 43.93
C GLU C 10 -13.72 -3.14 42.97
N ILE C 11 -12.60 -2.61 43.47
CA ILE C 11 -11.38 -2.43 42.72
C ILE C 11 -10.67 -3.76 42.54
N ASP C 12 -10.15 -4.03 41.34
CA ASP C 12 -9.56 -5.34 41.06
C ASP C 12 -8.33 -5.26 40.15
N ARG C 13 -7.74 -4.07 39.94
CA ARG C 13 -6.51 -3.95 39.17
C ARG C 13 -6.14 -2.48 39.00
N THR C 14 -4.83 -2.19 39.01
CA THR C 14 -4.29 -0.86 38.73
C THR C 14 -3.65 -0.88 37.34
N ILE C 15 -4.14 0.01 36.45
CA ILE C 15 -3.75 -0.02 35.05
C ILE C 15 -3.01 1.26 34.63
N GLY C 16 -3.04 2.28 35.49
CA GLY C 16 -2.49 3.58 35.16
C GLY C 16 -1.91 4.27 36.39
N LYS C 17 -0.80 5.00 36.19
CA LYS C 17 -0.19 5.80 37.23
C LYS C 17 0.57 6.95 36.58
N GLY C 18 -0.07 8.11 36.50
CA GLY C 18 0.56 9.31 35.97
C GLY C 18 0.53 10.44 36.99
N ASN C 19 0.88 11.65 36.51
CA ASN C 19 0.61 12.92 37.16
C ASN C 19 0.20 12.75 38.62
N PHE C 20 -0.98 13.29 39.01
CA PHE C 20 -1.43 13.17 40.38
C PHE C 20 -2.59 12.18 40.45
N ALA C 21 -2.55 11.13 39.61
CA ALA C 21 -3.68 10.23 39.46
C ALA C 21 -3.23 8.78 39.32
N VAL C 22 -4.13 7.87 39.75
CA VAL C 22 -4.01 6.44 39.50
C VAL C 22 -5.36 5.94 38.95
N VAL C 23 -5.29 5.09 37.93
CA VAL C 23 -6.47 4.49 37.35
C VAL C 23 -6.48 2.98 37.68
N LYS C 24 -7.68 2.49 37.99
CA LYS C 24 -7.90 1.10 38.37
C LYS C 24 -9.08 0.53 37.59
N ARG C 25 -9.09 -0.78 37.39
CA ARG C 25 -10.32 -1.44 36.98
C ARG C 25 -11.12 -1.78 38.23
N ALA C 26 -12.45 -1.65 38.10
CA ALA C 26 -13.40 -2.01 39.14
C ALA C 26 -14.64 -2.67 38.52
N THR C 27 -15.43 -3.30 39.39
CA THR C 27 -16.72 -3.90 39.09
C THR C 27 -17.79 -3.15 39.87
N HIS C 28 -18.84 -2.68 39.20
CA HIS C 28 -20.01 -2.16 39.92
C HIS C 28 -20.73 -3.32 40.57
N LEU C 29 -20.93 -3.23 41.88
CA LEU C 29 -21.36 -4.37 42.67
C LEU C 29 -22.87 -4.58 42.52
N VAL C 30 -23.57 -3.64 41.88
CA VAL C 30 -24.99 -3.80 41.59
C VAL C 30 -25.19 -4.26 40.15
N THR C 31 -24.60 -3.54 39.18
CA THR C 31 -24.88 -3.73 37.76
C THR C 31 -23.95 -4.78 37.16
N LYS C 32 -22.83 -5.07 37.84
CA LYS C 32 -21.84 -6.05 37.40
C LYS C 32 -20.92 -5.47 36.32
N ALA C 33 -21.11 -4.21 35.96
CA ALA C 33 -20.35 -3.57 34.89
C ALA C 33 -18.88 -3.42 35.27
N LYS C 34 -17.99 -3.66 34.31
CA LYS C 34 -16.59 -3.27 34.42
C LYS C 34 -16.46 -1.77 34.14
N VAL C 35 -15.68 -1.09 34.98
CA VAL C 35 -15.46 0.34 34.86
C VAL C 35 -13.98 0.61 35.11
N ALA C 36 -13.53 1.81 34.67
CA ALA C 36 -12.25 2.38 35.05
C ALA C 36 -12.53 3.49 36.06
N ILE C 37 -11.73 3.51 37.14
CA ILE C 37 -11.83 4.55 38.16
C ILE C 37 -10.51 5.30 38.23
N LYS C 38 -10.56 6.61 38.01
CA LYS C 38 -9.41 7.48 38.18
C LYS C 38 -9.50 8.17 39.53
N ILE C 39 -8.41 8.08 40.30
CA ILE C 39 -8.36 8.53 41.67
C ILE C 39 -7.35 9.68 41.72
N ILE C 40 -7.83 10.88 42.06
CA ILE C 40 -7.02 12.09 42.01
C ILE C 40 -6.90 12.61 43.43
N ASP C 41 -5.66 12.81 43.92
CA ASP C 41 -5.42 13.46 45.19
C ASP C 41 -5.39 14.97 44.95
N LYS C 42 -6.37 15.68 45.51
CA LYS C 42 -6.54 17.11 45.31
C LYS C 42 -5.52 17.90 46.13
N THR C 43 -4.96 17.26 47.16
CA THR C 43 -3.96 17.86 48.02
C THR C 43 -2.60 17.94 47.29
N GLN C 44 -2.48 17.27 46.15
CA GLN C 44 -1.32 17.38 45.29
C GLN C 44 -1.55 18.44 44.22
N LEU C 45 -2.81 18.79 43.98
CA LEU C 45 -3.20 19.59 42.83
C LEU C 45 -2.93 21.07 43.09
N ASP C 46 -2.42 21.72 42.04
CA ASP C 46 -2.30 23.18 41.96
C ASP C 46 -3.69 23.78 41.76
N GLU C 47 -3.78 25.10 41.89
CA GLU C 47 -5.07 25.79 41.87
C GLU C 47 -5.66 25.74 40.46
N GLU C 48 -4.80 25.95 39.44
CA GLU C 48 -5.23 25.99 38.06
C GLU C 48 -5.47 24.57 37.55
N ASN C 49 -4.77 23.60 38.15
CA ASN C 49 -4.93 22.20 37.79
C ASN C 49 -6.30 21.69 38.22
N LEU C 50 -6.82 22.23 39.32
CA LEU C 50 -8.17 21.91 39.80
C LEU C 50 -9.21 22.49 38.84
N LYS C 51 -8.93 23.70 38.33
CA LYS C 51 -9.82 24.36 37.39
C LYS C 51 -9.77 23.64 36.03
N LYS C 52 -8.63 22.98 35.75
CA LYS C 52 -8.46 22.22 34.52
C LYS C 52 -9.28 20.93 34.60
N ILE C 53 -9.06 20.15 35.67
CA ILE C 53 -9.78 18.88 35.87
C ILE C 53 -11.28 19.16 35.86
N PHE C 54 -11.70 20.29 36.40
CA PHE C 54 -13.11 20.65 36.44
C PHE C 54 -13.66 20.86 35.04
N ARG C 55 -12.87 21.47 34.13
CA ARG C 55 -13.30 21.69 32.76
C ARG C 55 -13.32 20.36 31.98
N GLU C 56 -12.29 19.52 32.18
CA GLU C 56 -12.20 18.21 31.59
C GLU C 56 -13.49 17.43 31.86
N VAL C 57 -13.91 17.40 33.13
CA VAL C 57 -15.02 16.58 33.59
C VAL C 57 -16.32 17.11 33.00
N GLN C 58 -16.46 18.44 32.94
CA GLN C 58 -17.61 19.12 32.37
C GLN C 58 -17.76 18.76 30.89
N ILE C 59 -16.64 18.68 30.17
CA ILE C 59 -16.66 18.36 28.74
C ILE C 59 -17.06 16.91 28.52
N MET C 60 -16.50 15.99 29.33
CA MET C 60 -16.81 14.57 29.24
C MET C 60 -18.30 14.31 29.43
N LYS C 61 -18.97 15.13 30.27
CA LYS C 61 -20.39 14.99 30.55
C LYS C 61 -21.22 15.37 29.35
N MET C 62 -20.68 16.24 28.48
CA MET C 62 -21.39 16.67 27.28
C MET C 62 -21.34 15.59 26.19
N LEU C 63 -20.54 14.53 26.37
CA LEU C 63 -20.23 13.63 25.26
C LEU C 63 -20.69 12.22 25.59
N SER C 64 -21.84 11.84 25.01
CA SER C 64 -22.29 10.46 24.90
C SER C 64 -22.19 10.02 23.44
N HIS C 65 -21.26 9.10 23.16
CA HIS C 65 -21.01 8.67 21.80
C HIS C 65 -20.37 7.30 21.83
N PRO C 66 -20.62 6.44 20.80
CA PRO C 66 -20.01 5.12 20.73
C PRO C 66 -18.48 5.05 20.72
N HIS C 67 -17.81 6.09 20.22
CA HIS C 67 -16.35 6.10 20.08
C HIS C 67 -15.73 7.17 20.97
N ILE C 68 -16.41 7.48 22.08
CA ILE C 68 -15.90 8.35 23.13
C ILE C 68 -16.12 7.64 24.46
N ILE C 69 -15.09 7.55 25.29
CA ILE C 69 -15.19 6.93 26.60
C ILE C 69 -16.25 7.68 27.37
N ARG C 70 -17.17 6.91 27.99
CA ARG C 70 -18.34 7.42 28.65
C ARG C 70 -18.08 7.58 30.15
N LEU C 71 -18.35 8.79 30.67
CA LEU C 71 -18.30 9.03 32.12
C LEU C 71 -19.63 8.62 32.75
N TYR C 72 -19.54 7.89 33.87
CA TYR C 72 -20.72 7.34 34.54
C TYR C 72 -20.94 7.97 35.91
N GLN C 73 -19.86 8.34 36.61
CA GLN C 73 -20.01 8.83 37.97
C GLN C 73 -18.81 9.65 38.41
N VAL C 74 -19.11 10.70 39.19
CA VAL C 74 -18.12 11.49 39.88
C VAL C 74 -18.36 11.34 41.38
N MET C 75 -17.33 10.95 42.12
CA MET C 75 -17.38 10.94 43.58
C MET C 75 -16.28 11.87 44.08
N GLU C 76 -16.57 12.60 45.17
CA GLU C 76 -15.60 13.55 45.71
C GLU C 76 -15.55 13.40 47.24
N THR C 77 -14.33 13.33 47.78
CA THR C 77 -14.11 13.55 49.20
C THR C 77 -13.30 14.85 49.36
N GLU C 78 -13.09 15.25 50.62
CA GLU C 78 -12.32 16.46 50.92
C GLU C 78 -10.93 16.33 50.29
N ARG C 79 -10.38 15.12 50.32
CA ARG C 79 -9.02 14.85 49.87
C ARG C 79 -9.00 14.39 48.40
N MET C 80 -9.95 13.54 48.00
CA MET C 80 -9.82 12.75 46.78
C MET C 80 -10.98 12.99 45.81
N ILE C 81 -10.68 12.91 44.50
CA ILE C 81 -11.68 12.91 43.41
C ILE C 81 -11.65 11.55 42.72
N TYR C 82 -12.85 11.02 42.41
CA TYR C 82 -13.01 9.74 41.73
C TYR C 82 -13.81 9.90 40.45
N LEU C 83 -13.25 9.48 39.30
CA LEU C 83 -13.96 9.52 38.04
C LEU C 83 -14.20 8.09 37.53
N VAL C 84 -15.47 7.69 37.42
CA VAL C 84 -15.84 6.35 36.95
C VAL C 84 -16.23 6.39 35.48
N THR C 85 -15.54 5.62 34.62
CA THR C 85 -15.84 5.63 33.19
C THR C 85 -16.05 4.20 32.68
N GLU C 86 -16.61 4.11 31.48
CA GLU C 86 -16.60 2.91 30.65
C GLU C 86 -15.19 2.33 30.56
N TYR C 87 -15.09 0.99 30.60
CA TYR C 87 -13.81 0.31 30.52
C TYR C 87 -13.54 -0.11 29.09
N ALA C 88 -12.34 0.19 28.58
CA ALA C 88 -11.95 -0.20 27.24
C ALA C 88 -11.01 -1.38 27.34
N SER C 89 -11.52 -2.57 27.06
CA SER C 89 -10.81 -3.78 27.45
C SER C 89 -9.75 -4.16 26.42
N GLY C 90 -9.56 -3.31 25.40
CA GLY C 90 -8.58 -3.58 24.38
C GLY C 90 -7.26 -2.86 24.68
N GLY C 91 -7.30 -1.91 25.61
CA GLY C 91 -6.12 -1.14 25.98
C GLY C 91 -5.94 0.05 25.06
N GLU C 92 -4.67 0.45 24.93
CA GLU C 92 -4.26 1.60 24.15
C GLU C 92 -3.76 1.15 22.80
N ILE C 93 -3.88 2.04 21.82
CA ILE C 93 -3.34 1.82 20.48
C ILE C 93 -1.82 1.64 20.52
N PHE C 94 -1.12 2.36 21.42
CA PHE C 94 0.33 2.24 21.56
C PHE C 94 0.74 0.77 21.64
N ASP C 95 0.06 0.01 22.50
CA ASP C 95 0.49 -1.33 22.86
C ASP C 95 0.25 -2.28 21.68
N HIS C 96 -0.78 -1.95 20.91
CA HIS C 96 -1.18 -2.67 19.71
C HIS C 96 -0.16 -2.43 18.61
N LEU C 97 0.38 -1.21 18.52
CA LEU C 97 1.39 -0.88 17.52
C LEU C 97 2.73 -1.50 17.91
N VAL C 98 3.09 -1.52 19.19
CA VAL C 98 4.32 -2.20 19.56
C VAL C 98 4.18 -3.71 19.28
N ALA C 99 2.99 -4.27 19.50
CA ALA C 99 2.75 -5.68 19.30
C ALA C 99 2.76 -6.06 17.80
N HIS C 100 2.10 -5.27 16.95
CA HIS C 100 1.84 -5.71 15.59
C HIS C 100 2.45 -4.81 14.52
N GLY C 101 2.88 -3.61 14.89
CA GLY C 101 3.40 -2.64 13.92
C GLY C 101 2.27 -1.97 13.13
N ARG C 102 2.68 -1.36 12.01
CA ARG C 102 1.80 -0.53 11.20
C ARG C 102 0.60 -1.35 10.73
N MET C 103 -0.54 -0.68 10.61
CA MET C 103 -1.81 -1.32 10.31
C MET C 103 -1.98 -1.42 8.80
N ALA C 104 -2.61 -2.50 8.34
CA ALA C 104 -3.15 -2.58 6.99
C ALA C 104 -4.24 -1.54 6.84
N GLU C 105 -4.36 -0.98 5.63
CA GLU C 105 -5.25 0.14 5.39
C GLU C 105 -6.70 -0.26 5.66
N LYS C 106 -7.00 -1.55 5.49
CA LYS C 106 -8.32 -2.08 5.84
C LYS C 106 -8.57 -1.85 7.33
N GLU C 107 -7.57 -2.18 8.16
CA GLU C 107 -7.67 -1.96 9.60
C GLU C 107 -7.64 -0.46 9.89
N ALA C 108 -6.76 0.28 9.20
CA ALA C 108 -6.59 1.70 9.48
C ALA C 108 -7.86 2.49 9.17
N ARG C 109 -8.60 2.05 8.14
CA ARG C 109 -9.77 2.75 7.67
C ARG C 109 -10.92 2.59 8.66
N ARG C 110 -11.12 1.36 9.14
CA ARG C 110 -12.11 1.06 10.14
C ARG C 110 -11.92 1.98 11.35
N LYS C 111 -10.68 2.04 11.87
CA LYS C 111 -10.40 2.73 13.12
C LYS C 111 -10.47 4.23 12.92
N PHE C 112 -9.91 4.71 11.80
CA PHE C 112 -9.88 6.13 11.52
C PHE C 112 -11.30 6.68 11.28
N LYS C 113 -12.14 5.89 10.62
CA LYS C 113 -13.52 6.28 10.43
C LYS C 113 -14.23 6.45 11.77
N GLN C 114 -13.90 5.58 12.74
CA GLN C 114 -14.44 5.65 14.08
C GLN C 114 -13.91 6.88 14.83
N ILE C 115 -12.59 7.15 14.70
CA ILE C 115 -11.99 8.36 15.28
C ILE C 115 -12.71 9.60 14.74
N VAL C 116 -12.92 9.63 13.43
CA VAL C 116 -13.51 10.79 12.75
C VAL C 116 -14.92 11.04 13.26
N THR C 117 -15.73 9.96 13.41
CA THR C 117 -17.09 10.07 13.92
C THR C 117 -17.06 10.74 15.30
N ALA C 118 -16.13 10.32 16.17
CA ALA C 118 -16.05 10.85 17.51
C ALA C 118 -15.69 12.34 17.51
N VAL C 119 -14.69 12.70 16.70
CA VAL C 119 -14.20 14.08 16.67
C VAL C 119 -15.26 14.99 16.04
N TYR C 120 -15.93 14.49 14.99
CA TYR C 120 -16.98 15.22 14.29
C TYR C 120 -18.11 15.55 15.27
N PHE C 121 -18.42 14.60 16.16
CA PHE C 121 -19.45 14.75 17.17
C PHE C 121 -19.03 15.80 18.21
N CYS C 122 -17.77 15.79 18.62
CA CYS C 122 -17.26 16.84 19.49
C CYS C 122 -17.50 18.21 18.87
N HIS C 123 -17.10 18.36 17.60
CA HIS C 123 -17.24 19.64 16.93
C HIS C 123 -18.71 20.05 16.87
N SER C 124 -19.61 19.09 16.61
CA SER C 124 -21.05 19.35 16.55
C SER C 124 -21.62 19.81 17.89
N ARG C 125 -20.93 19.45 18.99
CA ARG C 125 -21.27 19.92 20.33
C ARG C 125 -20.32 21.03 20.76
N ASN C 126 -19.67 21.70 19.80
CA ASN C 126 -18.86 22.88 20.08
C ASN C 126 -17.72 22.53 21.04
N ILE C 127 -17.15 21.33 20.90
CA ILE C 127 -15.98 20.92 21.65
C ILE C 127 -14.85 20.64 20.67
N VAL C 128 -13.67 21.20 20.97
CA VAL C 128 -12.42 20.83 20.31
C VAL C 128 -11.57 20.05 21.30
N HIS C 129 -10.93 18.98 20.81
CA HIS C 129 -10.14 18.09 21.65
C HIS C 129 -8.78 18.72 21.96
N ARG C 130 -8.07 19.12 20.89
CA ARG C 130 -6.82 19.89 20.93
C ARG C 130 -5.65 19.06 21.48
N ASP C 131 -5.78 17.73 21.55
CA ASP C 131 -4.66 16.89 21.95
C ASP C 131 -4.83 15.48 21.37
N LEU C 132 -5.36 15.38 20.16
CA LEU C 132 -5.58 14.09 19.53
C LEU C 132 -4.21 13.45 19.26
N LYS C 133 -3.97 12.26 19.84
CA LYS C 133 -2.75 11.51 19.59
C LYS C 133 -3.10 10.04 19.42
N ALA C 134 -2.39 9.32 18.54
CA ALA C 134 -2.71 7.94 18.24
C ALA C 134 -2.51 7.08 19.49
N GLU C 135 -1.40 7.29 20.19
CA GLU C 135 -0.90 6.30 21.13
C GLU C 135 -1.90 6.11 22.27
N ASN C 136 -2.65 7.17 22.64
CA ASN C 136 -3.49 7.16 23.83
C ASN C 136 -4.94 6.88 23.48
N LEU C 137 -5.26 6.63 22.20
CA LEU C 137 -6.58 6.19 21.79
C LEU C 137 -6.86 4.84 22.41
N LEU C 138 -8.11 4.63 22.88
CA LEU C 138 -8.46 3.43 23.61
C LEU C 138 -9.19 2.50 22.65
N LEU C 139 -9.17 1.20 22.98
CA LEU C 139 -9.80 0.18 22.18
C LEU C 139 -10.70 -0.67 23.07
N ASP C 140 -11.90 -0.99 22.57
CA ASP C 140 -12.81 -1.84 23.32
C ASP C 140 -12.46 -3.30 23.00
N ALA C 141 -13.26 -4.25 23.50
CA ALA C 141 -12.93 -5.67 23.40
C ALA C 141 -12.81 -6.15 21.96
N ASN C 142 -13.43 -5.43 21.01
CA ASN C 142 -13.37 -5.79 19.59
C ASN C 142 -12.40 -4.87 18.84
N LEU C 143 -11.55 -4.14 19.59
CA LEU C 143 -10.62 -3.15 19.06
C LEU C 143 -11.36 -2.07 18.27
N ASN C 144 -12.54 -1.69 18.79
CA ASN C 144 -13.25 -0.49 18.38
C ASN C 144 -12.74 0.71 19.19
N ILE C 145 -12.63 1.85 18.50
CA ILE C 145 -12.02 3.05 19.05
C ILE C 145 -12.92 3.67 20.12
N LYS C 146 -12.25 4.16 21.18
CA LYS C 146 -12.84 5.08 22.15
C LYS C 146 -11.82 6.19 22.42
N ILE C 147 -12.17 7.46 22.17
CA ILE C 147 -11.29 8.56 22.52
C ILE C 147 -11.53 8.92 24.00
N ALA C 148 -10.45 9.15 24.77
CA ALA C 148 -10.54 9.17 26.23
C ALA C 148 -10.06 10.46 26.90
N ASP C 149 -8.97 11.09 26.42
CA ASP C 149 -8.28 12.11 27.20
C ASP C 149 -8.65 13.52 26.71
N PHE C 150 -9.52 14.20 27.48
CA PHE C 150 -10.08 15.50 27.12
C PHE C 150 -9.52 16.60 28.02
N GLY C 151 -8.32 16.39 28.55
CA GLY C 151 -7.71 17.30 29.52
C GLY C 151 -7.31 18.65 28.92
N PHE C 152 -7.18 18.72 27.59
CA PHE C 152 -6.80 19.93 26.87
C PHE C 152 -7.94 20.46 26.01
N SER C 153 -9.13 19.86 26.16
CA SER C 153 -10.27 20.20 25.32
C SER C 153 -10.88 21.51 25.80
N ASN C 154 -11.76 22.08 24.98
CA ASN C 154 -12.40 23.34 25.33
C ASN C 154 -13.67 23.51 24.49
N LEU C 155 -14.57 24.38 24.97
CA LEU C 155 -15.69 24.84 24.17
C LEU C 155 -15.17 25.84 23.13
N PHE C 156 -15.76 25.83 21.93
CA PHE C 156 -15.46 26.85 20.94
C PHE C 156 -16.76 27.32 20.29
N THR C 157 -16.79 28.60 19.86
CA THR C 157 -17.82 29.11 18.98
C THR C 157 -17.26 29.10 17.56
N PRO C 158 -17.92 28.41 16.60
CA PRO C 158 -17.45 28.42 15.21
C PRO C 158 -17.17 29.81 14.68
N GLY C 159 -15.93 30.05 14.24
CA GLY C 159 -15.48 31.37 13.80
C GLY C 159 -14.61 32.06 14.85
N GLN C 160 -14.87 31.80 16.14
CA GLN C 160 -14.03 32.33 17.20
C GLN C 160 -12.65 31.67 17.11
N LEU C 161 -11.62 32.44 17.48
CA LEU C 161 -10.26 31.95 17.59
C LEU C 161 -9.99 31.55 19.04
N LEU C 162 -9.18 30.49 19.21
CA LEU C 162 -8.67 30.10 20.50
C LEU C 162 -7.24 30.63 20.62
N LYS C 163 -6.73 30.68 21.85
CA LYS C 163 -5.41 31.24 22.10
C LYS C 163 -4.73 30.51 23.26
N TPO C 164 -4.97 29.20 23.38
CA TPO C 164 -4.17 28.36 24.28
CB TPO C 164 -5.04 27.64 25.32
CG2 TPO C 164 -4.20 26.98 26.40
OG1 TPO C 164 -5.94 28.60 25.98
P TPO C 164 -7.46 28.15 26.23
O1P TPO C 164 -7.41 26.77 26.86
O2P TPO C 164 -8.10 29.15 27.16
O3P TPO C 164 -8.09 28.18 24.84
C TPO C 164 -3.41 27.31 23.47
O TPO C 164 -4.03 26.53 22.76
N TRP C 165 -2.07 27.31 23.56
CA TRP C 165 -1.30 26.20 23.04
C TRP C 165 -1.67 24.93 23.81
N CYS C 166 -1.90 23.86 23.06
CA CYS C 166 -2.22 22.60 23.70
C CYS C 166 -1.58 21.43 22.96
N GLY C 167 -1.26 20.41 23.75
CA GLY C 167 -1.09 19.07 23.23
C GLY C 167 0.36 18.73 22.98
N SER C 168 0.57 17.67 22.19
CA SER C 168 1.88 17.10 22.03
C SER C 168 2.47 17.67 20.75
N PRO C 169 3.73 18.16 20.79
CA PRO C 169 4.38 18.72 19.60
C PRO C 169 4.30 17.85 18.33
N PRO C 170 4.41 16.50 18.38
CA PRO C 170 4.34 15.69 17.16
C PRO C 170 3.02 15.80 16.39
N TYR C 171 1.94 16.18 17.11
CA TYR C 171 0.60 16.27 16.55
C TYR C 171 0.14 17.72 16.39
N ALA C 172 0.94 18.68 16.84
CA ALA C 172 0.52 20.07 16.86
C ALA C 172 0.71 20.70 15.48
N ALA C 173 -0.33 21.46 15.06
CA ALA C 173 -0.37 22.15 13.79
C ALA C 173 0.69 23.26 13.79
N PRO C 174 1.21 23.67 12.62
CA PRO C 174 2.28 24.66 12.57
C PRO C 174 1.92 25.97 13.28
N GLU C 175 0.65 26.39 13.18
CA GLU C 175 0.21 27.67 13.73
C GLU C 175 0.27 27.66 15.26
N LEU C 176 0.31 26.47 15.86
CA LEU C 176 0.41 26.35 17.32
C LEU C 176 1.86 26.58 17.75
N PHE C 177 2.80 26.05 16.97
CA PHE C 177 4.22 26.30 17.15
C PHE C 177 4.54 27.78 16.99
N GLU C 178 3.84 28.44 16.05
CA GLU C 178 4.08 29.83 15.70
C GLU C 178 3.44 30.78 16.72
N GLY C 179 2.59 30.24 17.61
CA GLY C 179 2.00 31.03 18.67
C GLY C 179 0.84 31.89 18.18
N LYS C 180 0.19 31.44 17.09
CA LYS C 180 -0.92 32.17 16.50
C LYS C 180 -2.21 31.81 17.22
N GLU C 181 -3.18 32.74 17.19
CA GLU C 181 -4.56 32.44 17.48
C GLU C 181 -5.09 31.54 16.37
N TYR C 182 -5.97 30.60 16.71
CA TYR C 182 -6.21 29.48 15.82
C TYR C 182 -7.68 29.09 15.82
N ASP C 183 -8.11 28.58 14.67
CA ASP C 183 -9.38 27.88 14.52
C ASP C 183 -9.25 26.51 15.20
N GLY C 184 -10.19 26.21 16.10
CA GLY C 184 -10.16 24.98 16.88
C GLY C 184 -10.18 23.72 15.99
N PRO C 185 -11.25 23.51 15.19
CA PRO C 185 -11.35 22.35 14.31
C PRO C 185 -10.19 22.10 13.34
N LYS C 186 -9.60 23.17 12.81
CA LYS C 186 -8.53 23.04 11.84
C LYS C 186 -7.28 22.48 12.51
N VAL C 187 -7.13 22.77 13.80
CA VAL C 187 -6.07 22.21 14.62
C VAL C 187 -6.28 20.70 14.78
N ASP C 188 -7.53 20.32 15.07
CA ASP C 188 -7.89 18.91 15.24
C ASP C 188 -7.73 18.17 13.91
N ILE C 189 -8.06 18.82 12.79
CA ILE C 189 -7.92 18.20 11.47
C ILE C 189 -6.45 17.94 11.14
N TRP C 190 -5.54 18.85 11.51
CA TRP C 190 -4.11 18.61 11.38
C TRP C 190 -3.72 17.39 12.20
N SER C 191 -4.12 17.34 13.47
CA SER C 191 -3.75 16.24 14.36
C SER C 191 -4.22 14.90 13.79
N LEU C 192 -5.42 14.90 13.19
CA LEU C 192 -6.03 13.72 12.59
C LEU C 192 -5.19 13.20 11.42
N GLY C 193 -4.52 14.12 10.73
CA GLY C 193 -3.67 13.77 9.60
C GLY C 193 -2.44 13.00 10.06
N VAL C 194 -1.90 13.40 11.23
CA VAL C 194 -0.74 12.79 11.84
C VAL C 194 -1.13 11.43 12.39
N VAL C 195 -2.29 11.36 13.05
CA VAL C 195 -2.88 10.13 13.54
C VAL C 195 -3.05 9.14 12.40
N LEU C 196 -3.61 9.56 11.26
CA LEU C 196 -3.85 8.62 10.16
C LEU C 196 -2.51 8.11 9.64
N TYR C 197 -1.53 9.01 9.54
CA TYR C 197 -0.21 8.67 9.06
C TYR C 197 0.41 7.59 9.97
N VAL C 198 0.31 7.82 11.29
CA VAL C 198 0.89 6.92 12.28
C VAL C 198 0.24 5.54 12.20
N LEU C 199 -1.09 5.51 12.03
CA LEU C 199 -1.82 4.25 11.98
C LEU C 199 -1.35 3.42 10.79
N VAL C 200 -1.22 4.04 9.62
CA VAL C 200 -0.83 3.39 8.37
C VAL C 200 0.67 3.09 8.33
N CYS C 201 1.49 3.98 8.90
CA CYS C 201 2.94 3.94 8.70
C CYS C 201 3.65 3.40 9.95
N GLY C 202 3.00 3.46 11.10
CA GLY C 202 3.62 3.04 12.35
C GLY C 202 4.77 3.96 12.75
N ALA C 203 4.76 5.20 12.26
CA ALA C 203 5.81 6.16 12.56
C ALA C 203 5.30 7.56 12.28
N LEU C 204 5.98 8.57 12.84
CA LEU C 204 5.54 9.96 12.76
C LEU C 204 5.95 10.57 11.41
N PRO C 205 5.12 11.47 10.83
CA PRO C 205 5.50 12.22 9.63
C PRO C 205 6.53 13.30 9.87
N PHE C 206 6.49 13.89 11.06
CA PHE C 206 7.40 14.94 11.48
C PHE C 206 8.07 14.54 12.78
N ASP C 207 9.41 14.53 12.80
CA ASP C 207 10.13 14.06 13.97
C ASP C 207 11.49 14.75 14.01
N GLY C 208 12.15 14.65 15.17
CA GLY C 208 13.49 15.16 15.31
C GLY C 208 14.07 14.83 16.68
N SER C 209 15.38 14.98 16.80
CA SER C 209 16.16 14.63 17.98
C SER C 209 15.96 15.68 19.07
N THR C 210 15.57 16.89 18.66
CA THR C 210 15.22 17.96 19.57
C THR C 210 13.88 18.53 19.14
N LEU C 211 13.26 19.31 20.05
CA LEU C 211 11.99 19.95 19.75
C LEU C 211 12.19 21.04 18.68
N GLN C 212 13.37 21.65 18.65
CA GLN C 212 13.70 22.67 17.67
C GLN C 212 13.69 22.05 16.27
N ASN C 213 14.32 20.88 16.13
CA ASN C 213 14.34 20.14 14.88
C ASN C 213 12.91 19.77 14.44
N LEU C 214 12.13 19.22 15.38
CA LEU C 214 10.77 18.80 15.13
C LEU C 214 9.95 19.98 14.63
N ARG C 215 10.06 21.10 15.33
CA ARG C 215 9.34 22.32 14.98
C ARG C 215 9.60 22.69 13.53
N ALA C 216 10.88 22.64 13.11
CA ALA C 216 11.25 23.03 11.77
C ALA C 216 10.68 22.06 10.74
N ARG C 217 10.62 20.77 11.09
CA ARG C 217 10.00 19.75 10.27
C ARG C 217 8.52 20.06 9.99
N VAL C 218 7.77 20.47 11.02
CA VAL C 218 6.34 20.71 10.87
C VAL C 218 6.12 21.93 9.96
N LEU C 219 6.88 23.01 10.21
CA LEU C 219 6.71 24.26 9.48
C LEU C 219 7.10 24.09 8.02
N SER C 220 8.02 23.14 7.73
CA SER C 220 8.41 22.80 6.38
C SER C 220 7.24 22.21 5.60
N GLY C 221 6.45 21.37 6.27
CA GLY C 221 5.27 20.75 5.69
C GLY C 221 5.62 19.58 4.76
N LYS C 222 6.88 19.11 4.78
CA LYS C 222 7.31 17.98 3.97
C LYS C 222 7.36 16.72 4.82
N PHE C 223 6.87 15.61 4.26
CA PHE C 223 6.97 14.30 4.88
C PHE C 223 7.05 13.21 3.82
N ARG C 224 7.45 12.01 4.24
CA ARG C 224 7.71 10.89 3.36
C ARG C 224 6.44 10.09 3.16
N ILE C 225 6.10 9.83 1.90
CA ILE C 225 5.05 8.87 1.58
C ILE C 225 5.71 7.52 1.34
N PRO C 226 5.51 6.50 2.20
CA PRO C 226 6.18 5.21 2.02
C PRO C 226 5.59 4.46 0.83
N PHE C 227 6.38 3.55 0.27
CA PHE C 227 6.04 2.81 -0.94
C PHE C 227 4.73 2.04 -0.75
N PHE C 228 4.47 1.61 0.50
CA PHE C 228 3.35 0.75 0.82
C PHE C 228 2.05 1.53 0.92
N MET C 229 2.11 2.87 0.99
CA MET C 229 0.92 3.68 1.18
C MET C 229 0.21 3.87 -0.16
N SER C 230 -1.11 3.62 -0.19
CA SER C 230 -1.93 3.72 -1.39
C SER C 230 -2.02 5.19 -1.83
N THR C 231 -2.42 5.39 -3.10
CA THR C 231 -2.56 6.72 -3.67
C THR C 231 -3.66 7.50 -2.95
N GLU C 232 -4.74 6.80 -2.60
CA GLU C 232 -5.94 7.43 -2.04
C GLU C 232 -5.67 7.85 -0.60
N CYS C 233 -5.00 6.98 0.16
CA CYS C 233 -4.61 7.28 1.53
C CYS C 233 -3.66 8.47 1.56
N GLU C 234 -2.65 8.45 0.67
CA GLU C 234 -1.67 9.52 0.52
C GLU C 234 -2.37 10.86 0.30
N HIS C 235 -3.37 10.83 -0.57
CA HIS C 235 -4.10 12.02 -0.98
C HIS C 235 -4.87 12.60 0.20
N LEU C 236 -5.48 11.73 1.01
CA LEU C 236 -6.28 12.16 2.15
C LEU C 236 -5.39 12.92 3.14
N ILE C 237 -4.27 12.29 3.51
CA ILE C 237 -3.32 12.82 4.49
C ILE C 237 -2.75 14.15 4.00
N ARG C 238 -2.41 14.22 2.70
CA ARG C 238 -1.84 15.42 2.13
C ARG C 238 -2.88 16.54 2.09
N HIS C 239 -4.18 16.21 2.18
CA HIS C 239 -5.21 17.22 2.17
C HIS C 239 -5.60 17.63 3.60
N MET C 240 -5.03 16.96 4.61
CA MET C 240 -5.20 17.31 6.01
C MET C 240 -3.97 18.03 6.53
N LEU C 241 -2.77 17.50 6.19
CA LEU C 241 -1.51 18.08 6.62
C LEU C 241 -1.07 19.18 5.65
N VAL C 242 -1.87 20.25 5.58
CA VAL C 242 -1.59 21.42 4.76
C VAL C 242 -1.24 22.57 5.69
N LEU C 243 -0.21 23.36 5.34
CA LEU C 243 0.30 24.40 6.22
C LEU C 243 -0.76 25.48 6.46
N ASP C 244 -1.38 25.98 5.39
CA ASP C 244 -2.46 26.94 5.51
C ASP C 244 -3.69 26.24 6.10
N PRO C 245 -4.16 26.67 7.29
CA PRO C 245 -5.35 26.07 7.90
C PRO C 245 -6.57 26.08 6.98
N ASN C 246 -6.61 27.06 6.08
CA ASN C 246 -7.78 27.34 5.26
C ASN C 246 -7.82 26.40 4.06
N LYS C 247 -6.69 25.77 3.73
CA LYS C 247 -6.61 24.84 2.62
C LYS C 247 -6.69 23.38 3.09
N ARG C 248 -6.95 23.16 4.38
CA ARG C 248 -7.19 21.83 4.91
C ARG C 248 -8.65 21.43 4.62
N LEU C 249 -8.88 20.12 4.43
CA LEU C 249 -10.22 19.59 4.33
C LEU C 249 -11.02 19.94 5.58
N SER C 250 -12.32 20.17 5.36
CA SER C 250 -13.32 20.19 6.43
C SER C 250 -13.57 18.77 6.92
N MET C 251 -14.28 18.64 8.03
CA MET C 251 -14.68 17.34 8.55
C MET C 251 -15.68 16.70 7.59
N GLU C 252 -16.57 17.53 7.03
CA GLU C 252 -17.56 17.09 6.05
C GLU C 252 -16.89 16.54 4.80
N GLN C 253 -15.80 17.18 4.36
CA GLN C 253 -15.07 16.74 3.17
C GLN C 253 -14.29 15.46 3.46
N ILE C 254 -13.74 15.35 4.69
CA ILE C 254 -12.99 14.18 5.12
C ILE C 254 -13.87 12.94 5.05
N CYS C 255 -15.12 13.06 5.49
CA CYS C 255 -16.04 11.92 5.51
C CYS C 255 -16.37 11.47 4.09
N LYS C 256 -16.23 12.38 3.12
CA LYS C 256 -16.63 12.14 1.73
C LYS C 256 -15.46 11.65 0.88
N HIS C 257 -14.23 11.69 1.39
CA HIS C 257 -13.07 11.30 0.60
C HIS C 257 -13.21 9.83 0.21
N LYS C 258 -12.59 9.43 -0.92
CA LYS C 258 -12.82 8.12 -1.52
C LYS C 258 -12.18 7.00 -0.70
N TRP C 259 -11.13 7.32 0.05
CA TRP C 259 -10.46 6.37 0.93
C TRP C 259 -11.40 5.97 2.08
N MET C 260 -12.15 6.97 2.55
CA MET C 260 -13.12 6.78 3.63
C MET C 260 -14.26 5.88 3.17
N LYS C 261 -14.74 6.15 1.95
CA LYS C 261 -15.93 5.54 1.38
C LYS C 261 -15.60 4.13 0.85
N LEU C 262 -14.40 3.96 0.30
CA LEU C 262 -13.81 2.67 -0.05
C LEU C 262 -14.05 1.63 1.06
N GLY C 263 -13.91 0.36 0.69
CA GLY C 263 -13.83 -0.74 1.65
C GLY C 263 -15.23 -1.27 2.01
N ASP C 264 -15.25 -2.21 2.95
CA ASP C 264 -16.49 -2.90 3.34
C ASP C 264 -17.49 -1.89 3.86
N ALA C 265 -18.77 -2.13 3.57
CA ALA C 265 -19.84 -1.17 3.84
C ALA C 265 -19.93 -0.93 5.34
N ASP C 266 -20.52 0.23 5.69
CA ASP C 266 -20.41 0.73 7.05
C ASP C 266 -21.62 1.61 7.37
N PRO C 267 -22.79 1.01 7.68
CA PRO C 267 -24.01 1.80 7.92
C PRO C 267 -23.90 2.71 9.15
N ASN C 268 -23.11 2.28 10.13
CA ASN C 268 -22.97 2.97 11.40
C ASN C 268 -22.22 4.28 11.20
N PHE C 269 -21.14 4.25 10.40
CA PHE C 269 -20.40 5.46 10.04
C PHE C 269 -21.37 6.52 9.53
N ASP C 270 -22.13 6.16 8.48
CA ASP C 270 -22.99 7.11 7.79
C ASP C 270 -24.09 7.61 8.72
N ARG C 271 -24.59 6.73 9.60
CA ARG C 271 -25.63 7.05 10.55
C ARG C 271 -25.11 8.07 11.58
N LEU C 272 -23.89 7.79 12.07
CA LEU C 272 -23.26 8.60 13.09
C LEU C 272 -22.89 9.98 12.53
N ILE C 273 -22.39 10.00 11.29
CA ILE C 273 -22.00 11.23 10.63
C ILE C 273 -23.26 12.01 10.29
N ALA C 274 -24.36 11.31 10.03
CA ALA C 274 -25.62 11.94 9.71
C ALA C 274 -26.17 12.63 10.95
N GLU C 275 -26.04 11.95 12.10
CA GLU C 275 -26.49 12.48 13.38
C GLU C 275 -25.71 13.74 13.73
N SER C 276 -24.40 13.70 13.52
CA SER C 276 -23.50 14.78 13.92
C SER C 276 -23.77 16.04 13.10
N GLN C 277 -24.25 15.86 11.85
CA GLN C 277 -24.41 16.97 10.92
C GLN C 277 -25.79 17.61 11.05
N GLN C 278 -26.72 16.97 11.78
CA GLN C 278 -28.04 17.52 12.03
C GLN C 278 -27.95 18.79 12.87
N LEU C 279 -28.94 19.68 12.72
CA LEU C 279 -29.02 20.94 13.46
C LEU C 279 -29.67 20.71 14.82
N LYS C 280 -29.97 21.81 15.54
CA LYS C 280 -30.72 21.75 16.78
C LYS C 280 -32.08 22.45 16.60
N PRO C 287 -35.35 10.99 26.75
CA PRO C 287 -36.21 9.85 26.36
C PRO C 287 -36.87 9.21 27.58
N LEU C 288 -36.04 8.94 28.60
CA LEU C 288 -36.44 8.43 29.91
C LEU C 288 -36.88 6.98 29.77
N ASN C 289 -36.09 6.08 30.36
CA ASN C 289 -36.33 4.64 30.25
C ASN C 289 -37.09 4.17 31.49
N GLU C 290 -38.40 3.91 31.32
CA GLU C 290 -39.26 3.65 32.47
C GLU C 290 -38.94 2.29 33.09
N ASP C 291 -38.57 1.32 32.26
CA ASP C 291 -38.28 -0.03 32.73
C ASP C 291 -37.00 -0.03 33.57
N VAL C 292 -36.07 0.88 33.25
CA VAL C 292 -34.87 1.04 34.05
C VAL C 292 -35.26 1.63 35.40
N LEU C 293 -36.10 2.67 35.39
CA LEU C 293 -36.54 3.36 36.60
C LEU C 293 -37.24 2.39 37.54
N LEU C 294 -38.03 1.48 36.96
CA LEU C 294 -38.79 0.49 37.71
C LEU C 294 -37.87 -0.58 38.28
N ALA C 295 -36.90 -1.04 37.45
CA ALA C 295 -35.91 -2.01 37.88
C ALA C 295 -35.11 -1.45 39.06
N MET C 296 -34.80 -0.15 38.99
CA MET C 296 -34.05 0.54 40.02
C MET C 296 -34.88 0.66 41.31
N GLU C 297 -36.17 0.95 41.15
CA GLU C 297 -37.08 1.10 42.26
C GLU C 297 -37.18 -0.22 43.02
N ASP C 298 -37.22 -1.34 42.29
CA ASP C 298 -37.35 -2.67 42.88
C ASP C 298 -36.05 -3.10 43.54
N MET C 299 -34.93 -2.45 43.22
CA MET C 299 -33.67 -2.63 43.93
C MET C 299 -33.76 -2.01 45.32
N GLY C 300 -34.41 -0.84 45.41
CA GLY C 300 -34.47 -0.07 46.63
C GLY C 300 -34.06 1.39 46.45
N LEU C 301 -33.88 1.81 45.19
CA LEU C 301 -33.59 3.19 44.85
C LEU C 301 -34.89 3.91 44.50
N ASP C 302 -35.30 4.85 45.37
CA ASP C 302 -36.56 5.54 45.23
C ASP C 302 -36.55 6.36 43.94
N LYS C 303 -37.62 6.23 43.15
CA LYS C 303 -37.68 6.73 41.79
C LYS C 303 -37.70 8.25 41.77
N GLU C 304 -38.07 8.87 42.89
CA GLU C 304 -38.11 10.33 42.99
C GLU C 304 -36.69 10.90 43.00
N GLN C 305 -35.81 10.30 43.81
CA GLN C 305 -34.43 10.74 43.94
C GLN C 305 -33.64 10.41 42.67
N THR C 306 -34.00 9.29 42.02
CA THR C 306 -33.42 8.90 40.74
C THR C 306 -33.73 9.95 39.67
N LEU C 307 -34.99 10.41 39.62
CA LEU C 307 -35.40 11.41 38.66
C LEU C 307 -34.75 12.76 38.97
N GLN C 308 -34.55 13.05 40.26
CA GLN C 308 -33.88 14.28 40.68
C GLN C 308 -32.41 14.23 40.28
N SER C 309 -31.78 13.06 40.48
CA SER C 309 -30.41 12.83 40.08
C SER C 309 -30.24 12.96 38.58
N LEU C 310 -31.22 12.46 37.81
CA LEU C 310 -31.21 12.58 36.36
C LEU C 310 -31.41 14.02 35.92
N ARG C 311 -32.41 14.70 36.49
CA ARG C 311 -32.77 16.05 36.08
C ARG C 311 -31.64 17.04 36.37
N SER C 312 -30.88 16.80 37.46
CA SER C 312 -29.85 17.74 37.88
C SER C 312 -28.51 17.41 37.21
N ASP C 313 -28.42 16.30 36.47
CA ASP C 313 -27.20 15.88 35.77
C ASP C 313 -26.08 15.65 36.80
N ALA C 314 -26.41 14.86 37.82
CA ALA C 314 -25.62 14.77 39.04
C ALA C 314 -24.35 13.92 38.87
N TYR C 315 -24.40 12.92 37.98
CA TYR C 315 -23.35 11.91 37.87
C TYR C 315 -23.04 11.32 39.23
N ASP C 316 -24.10 10.96 39.95
CA ASP C 316 -24.02 10.39 41.29
C ASP C 316 -24.38 8.91 41.23
N HIS C 317 -24.62 8.33 42.41
CA HIS C 317 -24.97 6.93 42.59
C HIS C 317 -26.15 6.53 41.70
N TYR C 318 -27.18 7.39 41.62
CA TYR C 318 -28.40 7.03 40.92
C TYR C 318 -28.24 7.24 39.42
N SER C 319 -27.54 8.31 39.01
CA SER C 319 -27.25 8.56 37.60
C SER C 319 -26.46 7.41 37.00
N ALA C 320 -25.39 6.99 37.71
CA ALA C 320 -24.51 5.92 37.28
C ALA C 320 -25.30 4.65 36.98
N ILE C 321 -26.14 4.24 37.93
CA ILE C 321 -26.91 3.01 37.80
C ILE C 321 -27.96 3.17 36.71
N TYR C 322 -28.56 4.36 36.57
CA TYR C 322 -29.50 4.57 35.49
C TYR C 322 -28.78 4.37 34.16
N SER C 323 -27.65 5.06 33.99
CA SER C 323 -26.91 5.09 32.75
C SER C 323 -26.36 3.70 32.43
N LEU C 324 -25.74 3.05 33.42
CA LEU C 324 -25.12 1.75 33.23
C LEU C 324 -26.14 0.73 32.74
N LEU C 325 -27.38 0.81 33.25
CA LEU C 325 -28.43 -0.12 32.88
C LEU C 325 -28.95 0.18 31.47
N CYS C 326 -29.09 1.47 31.11
CA CYS C 326 -29.59 1.87 29.80
C CYS C 326 -28.64 1.45 28.67
N ASP C 327 -27.33 1.49 28.95
CA ASP C 327 -26.29 1.13 27.99
C ASP C 327 -25.89 -0.33 28.22
N ARG C 328 -26.89 -1.20 28.42
CA ARG C 328 -26.67 -2.60 28.76
C ARG C 328 -27.45 -3.48 27.78
C1 XWA D . 20.52 -36.00 1.59
C2 XWA D . 20.77 -34.95 0.75
C3 XWA D . 20.11 -37.22 1.08
C7 XWA D . 19.01 -39.49 -10.10
C8 XWA D . 22.55 -38.46 -5.84
C9 XWA D . 23.64 -38.42 -6.67
C10 XWA D . 23.62 -35.98 -6.67
C11 XWA D . 19.55 -37.61 -6.55
C12 XWA D . 17.37 -37.56 -5.04
C13 XWA D . 20.61 -35.12 -0.61
C14 XWA D . 19.94 -37.40 -0.28
C15 XWA D . 21.16 -39.03 -11.14
C16 XWA D . 19.14 -38.32 -9.37
C19 XWA D . 24.15 -37.20 -7.07
C20 XWA D . 22.52 -36.03 -5.81
C21 XWA D . 18.31 -37.78 -7.12
C22 XWA D . 19.62 -37.42 -5.18
C24 XWA D . 21.81 -40.45 -12.92
C27 XWA D . 24.28 -40.51 -12.40
C30 XWA D . 24.79 -41.17 -14.59
C31 XWA D . 24.70 -36.97 -9.19
C32 XWA D . 22.54 -33.71 -5.81
C4 XWA D . 21.26 -37.86 -10.41
C5 XWA D . 20.04 -39.82 -10.97
C6 XWA D . 20.25 -37.52 -9.53
C17 XWA D . 22.01 -37.25 -5.42
C18 XWA D . 20.20 -36.33 -1.12
C23 XWA D . 21.10 -36.90 -3.24
C25 XWA D . 23.54 -39.52 -11.50
C26 XWA D . 22.66 -40.38 -14.18
C28 XWA D . 20.90 -33.93 -1.49
C29 XWA D . 19.49 -38.74 -0.80
N33 XWA D . 17.22 -37.76 -6.36
N34 XWA D . 18.53 -37.38 -4.42
N35 XWA D . 22.21 -39.34 -12.06
N36 XWA D . 24.06 -40.19 -13.80
N37 XWA D . 18.14 -37.96 -8.51
N38 XWA D . 20.02 -36.51 -2.51
N39 XWA D . 20.89 -37.23 -4.58
O40 XWA D . 22.21 -36.93 -2.73
O41 XWA D . 25.24 -37.18 -7.91
O42 XWA D . 21.88 -34.87 -5.33
C1 XWA E . -5.66 6.07 -21.07
C2 XWA E . -5.25 7.29 -21.52
C3 XWA E . -6.56 5.32 -21.82
C7 XWA E . -10.50 9.53 -31.83
C8 XWA E . -5.94 7.93 -29.19
C9 XWA E . -5.12 8.38 -30.23
C10 XWA E . -4.60 10.32 -28.91
C11 XWA E . -8.83 9.08 -28.26
C12 XWA E . -10.49 8.35 -26.38
C13 XWA E . -5.73 7.81 -22.72
C14 XWA E . -7.02 5.81 -23.04
C15 XWA E . -8.58 10.06 -33.13
C16 XWA E . -9.90 10.04 -30.70
C19 XWA E . -4.45 9.56 -30.08
C20 XWA E . -5.43 9.87 -27.90
C21 XWA E . -10.17 9.32 -28.40
C22 XWA E . -8.35 8.45 -27.13
C24 XWA E . -7.75 11.41 -34.87
C27 XWA E . -7.90 9.05 -36.57
C30 XWA E . -6.06 9.81 -37.79
C31 XWA E . -4.24 10.07 -32.35
C32 XWA E . -4.49 11.46 -26.62
C4 XWA E . -7.99 10.58 -31.99
C5 XWA E . -9.84 9.54 -33.04
C6 XWA E . -8.64 10.58 -30.77
C17 XWA E . -6.10 8.68 -28.04
C18 XWA E . -6.61 7.05 -23.49
C23 XWA E . -6.31 7.68 -25.88
C25 XWA E . -8.67 9.19 -35.27
C26 XWA E . -7.06 11.24 -36.23
C28 XWA E . -5.20 9.14 -23.09
C29 XWA E . -7.98 4.92 -23.77
N33 XWA E . -11.02 8.96 -27.44
N34 XWA E . -9.18 8.09 -26.17
N35 XWA E . -7.93 10.06 -34.36
N36 XWA E . -6.69 9.84 -36.47
N37 XWA E . -10.66 9.98 -29.55
N38 XWA E . -7.09 7.56 -24.74
N39 XWA E . -6.93 8.23 -27.02
O40 XWA E . -5.11 7.37 -25.89
O41 XWA E . -3.60 10.01 -31.08
O42 XWA E . -5.62 10.58 -26.70
C1 XWA F . -11.18 10.25 33.17
C2 XWA F . -10.48 10.13 31.99
C3 XWA F . -11.40 9.12 33.93
C7 XWA F . -6.93 -0.84 29.91
C8 XWA F . -5.81 4.11 32.02
C9 XWA F . -4.49 3.92 31.68
C10 XWA F . -4.78 5.22 29.63
C11 XWA F . -8.23 2.91 30.46
C12 XWA F . -10.83 3.16 30.57
C13 XWA F . -10.00 8.89 31.60
C14 XWA F . -10.93 7.87 33.56
C15 XWA F . -4.58 -0.44 29.61
C16 XWA F . -7.18 0.42 29.41
C19 XWA F . -4.00 4.46 30.50
C20 XWA F . -6.10 5.43 29.98
C21 XWA F . -9.05 1.93 29.95
C22 XWA F . -8.82 4.03 31.03
C24 XWA F . -3.35 -2.30 30.26
C27 XWA F . -1.17 -0.89 30.86
C30 XWA F . 0.29 -2.54 30.05
C31 XWA F . -2.19 3.18 31.01
C32 XWA F . -6.08 6.91 28.32
C4 XWA F . -4.84 0.81 29.10
C5 XWA F . -5.63 -1.26 29.99
C6 XWA F . -6.14 1.22 29.00
C17 XWA F . -6.60 4.87 31.16
C18 XWA F . -10.21 7.77 32.38
C23 XWA F . -8.38 6.28 31.96
C25 XWA F . -2.45 -0.12 30.56
C26 XWA F . -1.99 -2.99 30.22
C28 XWA F . -9.23 8.79 30.32
C29 XWA F . -11.17 6.64 34.42
N33 XWA F . -10.37 2.03 30.01
N34 XWA F . -10.14 4.17 31.09
N35 XWA F . -3.26 -0.94 29.72
N36 XWA F . -1.03 -1.96 29.88
N37 XWA F . -8.52 0.79 29.34
N38 XWA F . -9.73 6.48 32.02
N39 XWA F . -7.96 5.04 31.54
O40 XWA F . -7.56 7.14 32.26
O41 XWA F . -2.66 4.23 30.17
O42 XWA F . -6.96 6.18 29.15
#